data_1T8J
# 
_entry.id   1T8J 
# 
_audit_conform.dict_name       mmcif_pdbx.dic 
_audit_conform.dict_version    5.398 
_audit_conform.dict_location   http://mmcif.pdb.org/dictionaries/ascii/mmcif_pdbx.dic 
# 
loop_
_database_2.database_id 
_database_2.database_code 
_database_2.pdbx_database_accession 
_database_2.pdbx_DOI 
PDB   1T8J         pdb_00001t8j 10.2210/pdb1t8j/pdb 
RCSB  RCSB022445   ?            ?                   
WWPDB D_1000022445 ?            ?                   
# 
loop_
_pdbx_audit_revision_history.ordinal 
_pdbx_audit_revision_history.data_content_type 
_pdbx_audit_revision_history.major_revision 
_pdbx_audit_revision_history.minor_revision 
_pdbx_audit_revision_history.revision_date 
1 'Structure model' 1 0 2004-05-25 
2 'Structure model' 1 1 2008-04-30 
3 'Structure model' 1 2 2011-07-13 
4 'Structure model' 1 3 2022-03-02 
5 'Structure model' 1 4 2024-11-13 
# 
_pdbx_audit_revision_details.ordinal             1 
_pdbx_audit_revision_details.revision_ordinal    1 
_pdbx_audit_revision_details.data_content_type   'Structure model' 
_pdbx_audit_revision_details.provider            repository 
_pdbx_audit_revision_details.type                'Initial release' 
_pdbx_audit_revision_details.description         ? 
_pdbx_audit_revision_details.details             ? 
# 
loop_
_pdbx_audit_revision_group.ordinal 
_pdbx_audit_revision_group.revision_ordinal 
_pdbx_audit_revision_group.data_content_type 
_pdbx_audit_revision_group.group 
1 2 'Structure model' 'Version format compliance' 
2 3 'Structure model' 'Version format compliance' 
3 4 'Structure model' 'Database references'       
4 4 'Structure model' 'Derived calculations'      
5 5 'Structure model' 'Data collection'           
6 5 'Structure model' 'Structure summary'         
# 
loop_
_pdbx_audit_revision_category.ordinal 
_pdbx_audit_revision_category.revision_ordinal 
_pdbx_audit_revision_category.data_content_type 
_pdbx_audit_revision_category.category 
1 4 'Structure model' database_2                
2 4 'Structure model' pdbx_struct_assembly      
3 4 'Structure model' pdbx_struct_oper_list     
4 4 'Structure model' struct_conn               
5 4 'Structure model' struct_site               
6 5 'Structure model' chem_comp_atom            
7 5 'Structure model' chem_comp_bond            
8 5 'Structure model' pdbx_entry_details        
9 5 'Structure model' pdbx_modification_feature 
# 
loop_
_pdbx_audit_revision_item.ordinal 
_pdbx_audit_revision_item.revision_ordinal 
_pdbx_audit_revision_item.data_content_type 
_pdbx_audit_revision_item.item 
1  4 'Structure model' '_database_2.pdbx_DOI'                
2  4 'Structure model' '_database_2.pdbx_database_accession' 
3  4 'Structure model' '_struct_conn.pdbx_dist_value'        
4  4 'Structure model' '_struct_conn.pdbx_leaving_atom_flag' 
5  4 'Structure model' '_struct_conn.ptnr1_auth_comp_id'     
6  4 'Structure model' '_struct_conn.ptnr1_auth_seq_id'      
7  4 'Structure model' '_struct_conn.ptnr1_label_comp_id'    
8  4 'Structure model' '_struct_conn.ptnr1_label_seq_id'     
9  4 'Structure model' '_struct_conn.ptnr2_auth_comp_id'     
10 4 'Structure model' '_struct_conn.ptnr2_auth_seq_id'      
11 4 'Structure model' '_struct_conn.ptnr2_label_comp_id'    
12 4 'Structure model' '_struct_conn.ptnr2_label_seq_id'     
13 4 'Structure model' '_struct_site.pdbx_auth_asym_id'      
14 4 'Structure model' '_struct_site.pdbx_auth_comp_id'      
15 4 'Structure model' '_struct_site.pdbx_auth_seq_id'       
# 
_pdbx_database_status.status_code                     REL 
_pdbx_database_status.entry_id                        1T8J 
_pdbx_database_status.recvd_initial_deposition_date   2004-05-13 
_pdbx_database_status.deposit_site                    RCSB 
_pdbx_database_status.process_site                    RCSB 
_pdbx_database_status.status_code_mr                  REL 
_pdbx_database_status.SG_entry                        . 
_pdbx_database_status.pdb_format_compatible           Y 
_pdbx_database_status.status_code_sf                  ? 
_pdbx_database_status.status_code_cs                  ? 
_pdbx_database_status.status_code_nmr_data            ? 
_pdbx_database_status.methods_development_category    ? 
# 
loop_
_pdbx_database_related.db_name 
_pdbx_database_related.db_id 
_pdbx_database_related.details 
_pdbx_database_related.content_type 
PDB 1HCW 'BBA1 (monomer)'                           unspecified 
PDB 1SN9 'BBAT (tetramer)'                          unspecified 
PDB 1SNA 'BBAT (tetramer, selenomethionine mutant)' unspecified 
PDB 1SNE 'BBAT (tetramer, selenomethionine mutant)' unspecified 
# 
loop_
_audit_author.name 
_audit_author.pdbx_ordinal 
'Struthers, M.D.' 1 
'Ottesen, J.J.'   2 
'Imperiali, B.'   3 
# 
_citation.id                        primary 
_citation.title                     'Design and NMR Analyses of Compact, Independently Folded BBA Motifs' 
_citation.journal_abbrev            Fold.Des. 
_citation.journal_volume            3 
_citation.page_first                95 
_citation.page_last                 103 
_citation.year                      1998 
_citation.journal_id_ASTM           ? 
_citation.country                   UK 
_citation.journal_id_ISSN           1359-0278 
_citation.journal_id_CSD            ? 
_citation.book_publisher            ? 
_citation.pdbx_database_id_PubMed   9565754 
_citation.pdbx_database_id_DOI      '10.1016/S1359-0278(98)00015-7' 
# 
loop_
_citation_author.citation_id 
_citation_author.name 
_citation_author.ordinal 
_citation_author.identifier_ORCID 
primary 'Struthers, M.D.' 1 ? 
primary 'Ottesen, J.J.'   2 ? 
primary 'Imperiali, B.'   3 ? 
# 
_entity.id                         1 
_entity.type                       polymer 
_entity.src_method                 syn 
_entity.pdbx_description           BBA5 
_entity.formula_weight             2738.069 
_entity.pdbx_number_of_molecules   1 
_entity.pdbx_ec                    ? 
_entity.pdbx_mutation              ? 
_entity.pdbx_fragment              ? 
_entity.details                    ? 
# 
_entity_poly.entity_id                      1 
_entity_poly.type                           'polypeptide(L)' 
_entity_poly.nstd_linkage                   no 
_entity_poly.nstd_monomer                   yes 
_entity_poly.pdbx_seq_one_letter_code       '(ACE)YRV(DPR)SYDFSRSDELAKLLRQHAG(NH2)' 
_entity_poly.pdbx_seq_one_letter_code_can   XYRVPSYDFSRSDELAKLLRQHAGX 
_entity_poly.pdbx_strand_id                 A 
_entity_poly.pdbx_target_identifier         ? 
# 
loop_
_entity_poly_seq.entity_id 
_entity_poly_seq.num 
_entity_poly_seq.mon_id 
_entity_poly_seq.hetero 
1 1  ACE n 
1 2  TYR n 
1 3  ARG n 
1 4  VAL n 
1 5  DPR n 
1 6  SER n 
1 7  TYR n 
1 8  ASP n 
1 9  PHE n 
1 10 SER n 
1 11 ARG n 
1 12 SER n 
1 13 ASP n 
1 14 GLU n 
1 15 LEU n 
1 16 ALA n 
1 17 LYS n 
1 18 LEU n 
1 19 LEU n 
1 20 ARG n 
1 21 GLN n 
1 22 HIS n 
1 23 ALA n 
1 24 GLY n 
1 25 NH2 n 
# 
_pdbx_entity_src_syn.entity_id              1 
_pdbx_entity_src_syn.pdbx_src_id            1 
_pdbx_entity_src_syn.pdbx_alt_source_flag   sample 
_pdbx_entity_src_syn.pdbx_beg_seq_num       ? 
_pdbx_entity_src_syn.pdbx_end_seq_num       ? 
_pdbx_entity_src_syn.organism_scientific    ? 
_pdbx_entity_src_syn.organism_common_name   ? 
_pdbx_entity_src_syn.ncbi_taxonomy_id       ? 
_pdbx_entity_src_syn.details                'THE PROTEIN WAS CHEMICALLY SYNTHESIZED.' 
# 
loop_
_chem_comp.id 
_chem_comp.type 
_chem_comp.mon_nstd_flag 
_chem_comp.name 
_chem_comp.pdbx_synonyms 
_chem_comp.formula 
_chem_comp.formula_weight 
ACE non-polymer         . 'ACETYL GROUP'  ? 'C2 H4 O'        44.053  
ALA 'L-peptide linking' y ALANINE         ? 'C3 H7 N O2'     89.093  
ARG 'L-peptide linking' y ARGININE        ? 'C6 H15 N4 O2 1' 175.209 
ASP 'L-peptide linking' y 'ASPARTIC ACID' ? 'C4 H7 N O4'     133.103 
DPR 'D-peptide linking' . D-PROLINE       ? 'C5 H9 N O2'     115.130 
GLN 'L-peptide linking' y GLUTAMINE       ? 'C5 H10 N2 O3'   146.144 
GLU 'L-peptide linking' y 'GLUTAMIC ACID' ? 'C5 H9 N O4'     147.129 
GLY 'peptide linking'   y GLYCINE         ? 'C2 H5 N O2'     75.067  
HIS 'L-peptide linking' y HISTIDINE       ? 'C6 H10 N3 O2 1' 156.162 
LEU 'L-peptide linking' y LEUCINE         ? 'C6 H13 N O2'    131.173 
LYS 'L-peptide linking' y LYSINE          ? 'C6 H15 N2 O2 1' 147.195 
NH2 non-polymer         . 'AMINO GROUP'   ? 'H2 N'           16.023  
PHE 'L-peptide linking' y PHENYLALANINE   ? 'C9 H11 N O2'    165.189 
SER 'L-peptide linking' y SERINE          ? 'C3 H7 N O3'     105.093 
TYR 'L-peptide linking' y TYROSINE        ? 'C9 H11 N O3'    181.189 
VAL 'L-peptide linking' y VALINE          ? 'C5 H11 N O2'    117.146 
# 
loop_
_pdbx_poly_seq_scheme.asym_id 
_pdbx_poly_seq_scheme.entity_id 
_pdbx_poly_seq_scheme.seq_id 
_pdbx_poly_seq_scheme.mon_id 
_pdbx_poly_seq_scheme.ndb_seq_num 
_pdbx_poly_seq_scheme.pdb_seq_num 
_pdbx_poly_seq_scheme.auth_seq_num 
_pdbx_poly_seq_scheme.pdb_mon_id 
_pdbx_poly_seq_scheme.auth_mon_id 
_pdbx_poly_seq_scheme.pdb_strand_id 
_pdbx_poly_seq_scheme.pdb_ins_code 
_pdbx_poly_seq_scheme.hetero 
A 1 1  ACE 1  0  0  ACE ACE A . n 
A 1 2  TYR 2  1  1  TYR TYR A . n 
A 1 3  ARG 3  2  2  ARG ARG A . n 
A 1 4  VAL 4  3  3  VAL VAL A . n 
A 1 5  DPR 5  4  4  DPR PRO A . n 
A 1 6  SER 6  5  5  SER SER A . n 
A 1 7  TYR 7  6  6  TYR TYR A . n 
A 1 8  ASP 8  7  7  ASP ASP A . n 
A 1 9  PHE 9  8  8  PHE PHE A . n 
A 1 10 SER 10 9  9  SER SER A . n 
A 1 11 ARG 11 10 10 ARG ARG A . n 
A 1 12 SER 12 11 11 SER SER A . n 
A 1 13 ASP 13 12 12 ASP ASP A . n 
A 1 14 GLU 14 13 13 GLU GLU A . n 
A 1 15 LEU 15 14 14 LEU LEU A . n 
A 1 16 ALA 16 15 15 ALA ALA A . n 
A 1 17 LYS 17 16 16 LYS LYS A . n 
A 1 18 LEU 18 17 17 LEU LEU A . n 
A 1 19 LEU 19 18 18 LEU LEU A . n 
A 1 20 ARG 20 19 19 ARG ARG A . n 
A 1 21 GLN 21 20 20 GLN GLN A . n 
A 1 22 HIS 22 21 21 HIS HIS A . n 
A 1 23 ALA 23 22 22 ALA ALA A . n 
A 1 24 GLY 24 23 23 GLY GLY A . n 
A 1 25 NH2 25 24 24 NH2 NH2 A . n 
# 
_exptl.entry_id          1T8J 
_exptl.method            'SOLUTION NMR' 
_exptl.crystals_number   ? 
# 
_exptl_crystal.id                    1 
_exptl_crystal.density_meas          ? 
_exptl_crystal.density_percent_sol   ? 
_exptl_crystal.description           ? 
_exptl_crystal.density_Matthews      ? 
# 
_diffrn.id                     1 
_diffrn.ambient_temp           ? 
_diffrn.ambient_temp_details   ? 
_diffrn.crystal_id             1 
# 
_diffrn_radiation.diffrn_id                        1 
_diffrn_radiation.wavelength_id                    1 
_diffrn_radiation.pdbx_monochromatic_or_laue_m_l   M 
_diffrn_radiation.monochromator                    ? 
_diffrn_radiation.pdbx_diffrn_protocol             'SINGLE WAVELENGTH' 
_diffrn_radiation.pdbx_scattering_type             ? 
# 
_diffrn_radiation_wavelength.id           1 
_diffrn_radiation_wavelength.wavelength   . 
_diffrn_radiation_wavelength.wt           1.0 
# 
_struct.entry_id                  1T8J 
_struct.title                     'NMR Structure of BBA5, A Compact, Independently Folded BBA Motif' 
_struct.pdbx_model_details        ? 
_struct.pdbx_CASP_flag            ? 
_struct.pdbx_model_type_details   ? 
# 
_struct_keywords.entry_id        1T8J 
_struct_keywords.pdbx_keywords   'DE NOVO PROTEIN' 
_struct_keywords.text            'PROTEIN DESIGN, MINI-PROTEIN, BETA BETA ALPHA, DE NOVO PROTEIN' 
# 
_struct_asym.id                            A 
_struct_asym.pdbx_blank_PDB_chainid_flag   N 
_struct_asym.pdbx_modified                 N 
_struct_asym.entity_id                     1 
_struct_asym.details                       ? 
# 
_struct_ref.id                         1 
_struct_ref.entity_id                  1 
_struct_ref.db_name                    PDB 
_struct_ref.db_code                    1T8J 
_struct_ref.pdbx_db_accession          1T8J 
_struct_ref.pdbx_db_isoform            ? 
_struct_ref.pdbx_seq_one_letter_code   ? 
_struct_ref.pdbx_align_begin           ? 
# 
_struct_ref_seq.align_id                      1 
_struct_ref_seq.ref_id                        1 
_struct_ref_seq.pdbx_PDB_id_code              1T8J 
_struct_ref_seq.pdbx_strand_id                A 
_struct_ref_seq.seq_align_beg                 1 
_struct_ref_seq.pdbx_seq_align_beg_ins_code   ? 
_struct_ref_seq.seq_align_end                 25 
_struct_ref_seq.pdbx_seq_align_end_ins_code   ? 
_struct_ref_seq.pdbx_db_accession             1T8J 
_struct_ref_seq.db_align_beg                  0 
_struct_ref_seq.pdbx_db_align_beg_ins_code    ? 
_struct_ref_seq.db_align_end                  24 
_struct_ref_seq.pdbx_db_align_end_ins_code    ? 
_struct_ref_seq.pdbx_auth_seq_align_beg       0 
_struct_ref_seq.pdbx_auth_seq_align_end       24 
# 
_pdbx_struct_assembly.id                   1 
_pdbx_struct_assembly.details              author_defined_assembly 
_pdbx_struct_assembly.method_details       ? 
_pdbx_struct_assembly.oligomeric_details   monomeric 
_pdbx_struct_assembly.oligomeric_count     1 
# 
_pdbx_struct_assembly_gen.assembly_id       1 
_pdbx_struct_assembly_gen.oper_expression   1 
_pdbx_struct_assembly_gen.asym_id_list      A 
# 
_pdbx_struct_oper_list.id                   1 
_pdbx_struct_oper_list.type                 'identity operation' 
_pdbx_struct_oper_list.name                 1_555 
_pdbx_struct_oper_list.symmetry_operation   x,y,z 
_pdbx_struct_oper_list.matrix[1][1]         1.0000000000 
_pdbx_struct_oper_list.matrix[1][2]         0.0000000000 
_pdbx_struct_oper_list.matrix[1][3]         0.0000000000 
_pdbx_struct_oper_list.vector[1]            0.0000000000 
_pdbx_struct_oper_list.matrix[2][1]         0.0000000000 
_pdbx_struct_oper_list.matrix[2][2]         1.0000000000 
_pdbx_struct_oper_list.matrix[2][3]         0.0000000000 
_pdbx_struct_oper_list.vector[2]            0.0000000000 
_pdbx_struct_oper_list.matrix[3][1]         0.0000000000 
_pdbx_struct_oper_list.matrix[3][2]         0.0000000000 
_pdbx_struct_oper_list.matrix[3][3]         1.0000000000 
_pdbx_struct_oper_list.vector[3]            0.0000000000 
# 
_struct_biol.id   1 
# 
_struct_conf.conf_type_id            HELX_P 
_struct_conf.id                      HELX_P1 
_struct_conf.pdbx_PDB_helix_id       1 
_struct_conf.beg_label_comp_id       ASP 
_struct_conf.beg_label_asym_id       A 
_struct_conf.beg_label_seq_id        13 
_struct_conf.pdbx_beg_PDB_ins_code   ? 
_struct_conf.end_label_comp_id       HIS 
_struct_conf.end_label_asym_id       A 
_struct_conf.end_label_seq_id        22 
_struct_conf.pdbx_end_PDB_ins_code   ? 
_struct_conf.beg_auth_comp_id        ASP 
_struct_conf.beg_auth_asym_id        A 
_struct_conf.beg_auth_seq_id         12 
_struct_conf.end_auth_comp_id        HIS 
_struct_conf.end_auth_asym_id        A 
_struct_conf.end_auth_seq_id         21 
_struct_conf.pdbx_PDB_helix_class    1 
_struct_conf.details                 ? 
_struct_conf.pdbx_PDB_helix_length   10 
# 
_struct_conf_type.id          HELX_P 
_struct_conf_type.criteria    ? 
_struct_conf_type.reference   ? 
# 
loop_
_struct_conn.id 
_struct_conn.conn_type_id 
_struct_conn.pdbx_leaving_atom_flag 
_struct_conn.pdbx_PDB_id 
_struct_conn.ptnr1_label_asym_id 
_struct_conn.ptnr1_label_comp_id 
_struct_conn.ptnr1_label_seq_id 
_struct_conn.ptnr1_label_atom_id 
_struct_conn.pdbx_ptnr1_label_alt_id 
_struct_conn.pdbx_ptnr1_PDB_ins_code 
_struct_conn.pdbx_ptnr1_standard_comp_id 
_struct_conn.ptnr1_symmetry 
_struct_conn.ptnr2_label_asym_id 
_struct_conn.ptnr2_label_comp_id 
_struct_conn.ptnr2_label_seq_id 
_struct_conn.ptnr2_label_atom_id 
_struct_conn.pdbx_ptnr2_label_alt_id 
_struct_conn.pdbx_ptnr2_PDB_ins_code 
_struct_conn.ptnr1_auth_asym_id 
_struct_conn.ptnr1_auth_comp_id 
_struct_conn.ptnr1_auth_seq_id 
_struct_conn.ptnr2_auth_asym_id 
_struct_conn.ptnr2_auth_comp_id 
_struct_conn.ptnr2_auth_seq_id 
_struct_conn.ptnr2_symmetry 
_struct_conn.pdbx_ptnr3_label_atom_id 
_struct_conn.pdbx_ptnr3_label_seq_id 
_struct_conn.pdbx_ptnr3_label_comp_id 
_struct_conn.pdbx_ptnr3_label_asym_id 
_struct_conn.pdbx_ptnr3_label_alt_id 
_struct_conn.pdbx_ptnr3_PDB_ins_code 
_struct_conn.details 
_struct_conn.pdbx_dist_value 
_struct_conn.pdbx_value_order 
_struct_conn.pdbx_role 
covale1 covale both ? A ACE 1  C ? ? ? 1_555 A TYR 2  N ? ? A ACE 0  A TYR 1  1_555 ? ? ? ? ? ? ? 1.354 ? ? 
covale2 covale both ? A VAL 4  C ? ? ? 1_555 A DPR 5  N ? ? A VAL 3  A DPR 4  1_555 ? ? ? ? ? ? ? 1.384 ? ? 
covale3 covale both ? A DPR 5  C ? ? ? 1_555 A SER 6  N ? ? A DPR 4  A SER 5  1_555 ? ? ? ? ? ? ? 1.350 ? ? 
covale4 covale both ? A GLY 24 C ? ? ? 1_555 A NH2 25 N ? ? A GLY 23 A NH2 24 1_555 ? ? ? ? ? ? ? 1.321 ? ? 
# 
_struct_conn_type.id          covale 
_struct_conn_type.criteria    ? 
_struct_conn_type.reference   ? 
# 
loop_
_pdbx_modification_feature.ordinal 
_pdbx_modification_feature.label_comp_id 
_pdbx_modification_feature.label_asym_id 
_pdbx_modification_feature.label_seq_id 
_pdbx_modification_feature.label_alt_id 
_pdbx_modification_feature.modified_residue_label_comp_id 
_pdbx_modification_feature.modified_residue_label_asym_id 
_pdbx_modification_feature.modified_residue_label_seq_id 
_pdbx_modification_feature.modified_residue_label_alt_id 
_pdbx_modification_feature.auth_comp_id 
_pdbx_modification_feature.auth_asym_id 
_pdbx_modification_feature.auth_seq_id 
_pdbx_modification_feature.PDB_ins_code 
_pdbx_modification_feature.symmetry 
_pdbx_modification_feature.modified_residue_auth_comp_id 
_pdbx_modification_feature.modified_residue_auth_asym_id 
_pdbx_modification_feature.modified_residue_auth_seq_id 
_pdbx_modification_feature.modified_residue_PDB_ins_code 
_pdbx_modification_feature.modified_residue_symmetry 
_pdbx_modification_feature.comp_id_linking_atom 
_pdbx_modification_feature.modified_residue_id_linking_atom 
_pdbx_modification_feature.modified_residue_id 
_pdbx_modification_feature.ref_pcm_id 
_pdbx_modification_feature.ref_comp_id 
_pdbx_modification_feature.type 
_pdbx_modification_feature.category 
1 ACE A 1  ? TYR A 2  ? ACE A 0  ? 1_555 TYR A 1  ? 1_555 . . TYR 5  ACE None 'Terminal acetylation' 
2 NH2 A 25 ? GLY A 24 ? NH2 A 24 ? 1_555 GLY A 23 ? 1_555 . . GLY 12 NH2 None 'Terminal amidation'   
# 
_struct_site.id                   AC2 
_struct_site.pdbx_evidence_code   Software 
_struct_site.pdbx_auth_asym_id    A 
_struct_site.pdbx_auth_comp_id    NH2 
_struct_site.pdbx_auth_seq_id     24 
_struct_site.pdbx_auth_ins_code   ? 
_struct_site.pdbx_num_residues    1 
_struct_site.details              'BINDING SITE FOR RESIDUE NH2 A 24' 
# 
_struct_site_gen.id                   1 
_struct_site_gen.site_id              AC2 
_struct_site_gen.pdbx_num_res         1 
_struct_site_gen.label_comp_id        GLY 
_struct_site_gen.label_asym_id        A 
_struct_site_gen.label_seq_id         24 
_struct_site_gen.pdbx_auth_ins_code   ? 
_struct_site_gen.auth_comp_id         GLY 
_struct_site_gen.auth_asym_id         A 
_struct_site_gen.auth_seq_id          23 
_struct_site_gen.label_atom_id        . 
_struct_site_gen.label_alt_id         ? 
_struct_site_gen.symmetry             1_555 
_struct_site_gen.details              ? 
# 
_pdbx_entry_details.entry_id                   1T8J 
_pdbx_entry_details.compound_details           ? 
_pdbx_entry_details.source_details             ? 
_pdbx_entry_details.nonpolymer_details         ? 
_pdbx_entry_details.sequence_details           ? 
_pdbx_entry_details.has_ligand_of_interest     ? 
_pdbx_entry_details.has_protein_modification   Y 
# 
loop_
_pdbx_validate_rmsd_angle.id 
_pdbx_validate_rmsd_angle.PDB_model_num 
_pdbx_validate_rmsd_angle.auth_atom_id_1 
_pdbx_validate_rmsd_angle.auth_asym_id_1 
_pdbx_validate_rmsd_angle.auth_comp_id_1 
_pdbx_validate_rmsd_angle.auth_seq_id_1 
_pdbx_validate_rmsd_angle.PDB_ins_code_1 
_pdbx_validate_rmsd_angle.label_alt_id_1 
_pdbx_validate_rmsd_angle.auth_atom_id_2 
_pdbx_validate_rmsd_angle.auth_asym_id_2 
_pdbx_validate_rmsd_angle.auth_comp_id_2 
_pdbx_validate_rmsd_angle.auth_seq_id_2 
_pdbx_validate_rmsd_angle.PDB_ins_code_2 
_pdbx_validate_rmsd_angle.label_alt_id_2 
_pdbx_validate_rmsd_angle.auth_atom_id_3 
_pdbx_validate_rmsd_angle.auth_asym_id_3 
_pdbx_validate_rmsd_angle.auth_comp_id_3 
_pdbx_validate_rmsd_angle.auth_seq_id_3 
_pdbx_validate_rmsd_angle.PDB_ins_code_3 
_pdbx_validate_rmsd_angle.label_alt_id_3 
_pdbx_validate_rmsd_angle.angle_value 
_pdbx_validate_rmsd_angle.angle_target_value 
_pdbx_validate_rmsd_angle.angle_deviation 
_pdbx_validate_rmsd_angle.angle_standard_deviation 
_pdbx_validate_rmsd_angle.linker_flag 
1 1 NE  A ARG 2  ? ? CZ  A ARG 2  ? ? NH1 A ARG 2  ? ? 126.19 120.30 5.89  0.50 N 
2 1 NE  A ARG 2  ? ? CZ  A ARG 2  ? ? NH2 A ARG 2  ? ? 116.90 120.30 -3.40 0.50 N 
3 1 NE  A ARG 10 ? ? CZ  A ARG 10 ? ? NH1 A ARG 10 ? ? 126.11 120.30 5.81  0.50 N 
4 1 NE  A ARG 10 ? ? CZ  A ARG 10 ? ? NH2 A ARG 10 ? ? 116.96 120.30 -3.34 0.50 N 
5 1 NE  A ARG 19 ? ? CZ  A ARG 19 ? ? NH1 A ARG 19 ? ? 126.12 120.30 5.82  0.50 N 
6 1 NE  A ARG 19 ? ? CZ  A ARG 19 ? ? NH2 A ARG 19 ? ? 116.92 120.30 -3.38 0.50 N 
7 1 ND1 A HIS 21 ? ? CE1 A HIS 21 ? ? NE2 A HIS 21 ? ? 119.52 111.50 8.02  1.30 N 
# 
loop_
_pdbx_validate_torsion.id 
_pdbx_validate_torsion.PDB_model_num 
_pdbx_validate_torsion.auth_comp_id 
_pdbx_validate_torsion.auth_asym_id 
_pdbx_validate_torsion.auth_seq_id 
_pdbx_validate_torsion.PDB_ins_code 
_pdbx_validate_torsion.label_alt_id 
_pdbx_validate_torsion.phi 
_pdbx_validate_torsion.psi 
1 1 ARG A 2  ? ? -21.01  126.87 
2 1 TYR A 6  ? ? -174.90 138.34 
3 1 ARG A 10 ? ? -146.75 -68.43 
4 1 SER A 11 ? ? 46.18   14.24  
# 
_pdbx_validate_planes.id              1 
_pdbx_validate_planes.PDB_model_num   1 
_pdbx_validate_planes.auth_comp_id    PHE 
_pdbx_validate_planes.auth_asym_id    A 
_pdbx_validate_planes.auth_seq_id     8 
_pdbx_validate_planes.PDB_ins_code    ? 
_pdbx_validate_planes.label_alt_id    ? 
_pdbx_validate_planes.rmsd            0.107 
_pdbx_validate_planes.type            'SIDE CHAIN' 
# 
_pdbx_struct_mod_residue.id               1 
_pdbx_struct_mod_residue.label_asym_id    A 
_pdbx_struct_mod_residue.label_comp_id    DPR 
_pdbx_struct_mod_residue.label_seq_id     5 
_pdbx_struct_mod_residue.auth_asym_id     A 
_pdbx_struct_mod_residue.auth_comp_id     DPR 
_pdbx_struct_mod_residue.auth_seq_id      4 
_pdbx_struct_mod_residue.PDB_ins_code     ? 
_pdbx_struct_mod_residue.parent_comp_id   PRO 
_pdbx_struct_mod_residue.details          D-PROLINE 
# 
_pdbx_nmr_ensemble.entry_id                             1T8J 
_pdbx_nmr_ensemble.conformers_calculated_total_number   ? 
_pdbx_nmr_ensemble.conformers_submitted_total_number    1 
_pdbx_nmr_ensemble.conformer_selection_criteria         ? 
# 
_pdbx_nmr_representative.entry_id             1T8J 
_pdbx_nmr_representative.selection_criteria   'closest to the average' 
_pdbx_nmr_representative.conformer_id         ? 
# 
_pdbx_nmr_sample_details.solution_id      1 
_pdbx_nmr_sample_details.contents         '7.8 mM BBA5, 90% H2O, 10% D2O' 
_pdbx_nmr_sample_details.solvent_system   '90% H2O/10% D2O' 
# 
loop_
_pdbx_nmr_exptl.experiment_id 
_pdbx_nmr_exptl.solution_id 
_pdbx_nmr_exptl.conditions_id 
_pdbx_nmr_exptl.type 
1 1 1 '2D TOCSY' 
2 1 1 DQF-COSY   
3 1 1 '2D NOESY' 
4 1 1 ROESY      
# 
_pdbx_nmr_refine.entry_id           1T8J 
_pdbx_nmr_refine.method             NMRCHITECT 
_pdbx_nmr_refine.details            ? 
_pdbx_nmr_refine.software_ordinal   1 
# 
_pdbx_nmr_software.name             NMRchitect 
_pdbx_nmr_software.version          ? 
_pdbx_nmr_software.classification   refinement 
_pdbx_nmr_software.authors          ? 
_pdbx_nmr_software.ordinal          1 
# 
loop_
_chem_comp_atom.comp_id 
_chem_comp_atom.atom_id 
_chem_comp_atom.type_symbol 
_chem_comp_atom.pdbx_aromatic_flag 
_chem_comp_atom.pdbx_stereo_config 
_chem_comp_atom.pdbx_ordinal 
ACE C    C N N 1   
ACE O    O N N 2   
ACE CH3  C N N 3   
ACE H    H N N 4   
ACE H1   H N N 5   
ACE H2   H N N 6   
ACE H3   H N N 7   
ALA N    N N N 8   
ALA CA   C N S 9   
ALA C    C N N 10  
ALA O    O N N 11  
ALA CB   C N N 12  
ALA OXT  O N N 13  
ALA H    H N N 14  
ALA H2   H N N 15  
ALA HA   H N N 16  
ALA HB1  H N N 17  
ALA HB2  H N N 18  
ALA HB3  H N N 19  
ALA HXT  H N N 20  
ARG N    N N N 21  
ARG CA   C N S 22  
ARG C    C N N 23  
ARG O    O N N 24  
ARG CB   C N N 25  
ARG CG   C N N 26  
ARG CD   C N N 27  
ARG NE   N N N 28  
ARG CZ   C N N 29  
ARG NH1  N N N 30  
ARG NH2  N N N 31  
ARG OXT  O N N 32  
ARG H    H N N 33  
ARG H2   H N N 34  
ARG HA   H N N 35  
ARG HB2  H N N 36  
ARG HB3  H N N 37  
ARG HG2  H N N 38  
ARG HG3  H N N 39  
ARG HD2  H N N 40  
ARG HD3  H N N 41  
ARG HE   H N N 42  
ARG HH11 H N N 43  
ARG HH12 H N N 44  
ARG HH21 H N N 45  
ARG HH22 H N N 46  
ARG HXT  H N N 47  
ASP N    N N N 48  
ASP CA   C N S 49  
ASP C    C N N 50  
ASP O    O N N 51  
ASP CB   C N N 52  
ASP CG   C N N 53  
ASP OD1  O N N 54  
ASP OD2  O N N 55  
ASP OXT  O N N 56  
ASP H    H N N 57  
ASP H2   H N N 58  
ASP HA   H N N 59  
ASP HB2  H N N 60  
ASP HB3  H N N 61  
ASP HD2  H N N 62  
ASP HXT  H N N 63  
DPR N    N N N 64  
DPR CA   C N R 65  
DPR CB   C N N 66  
DPR CG   C N N 67  
DPR CD   C N N 68  
DPR C    C N N 69  
DPR O    O N N 70  
DPR OXT  O N N 71  
DPR H    H N N 72  
DPR HA   H N N 73  
DPR HB2  H N N 74  
DPR HB3  H N N 75  
DPR HG2  H N N 76  
DPR HG3  H N N 77  
DPR HD2  H N N 78  
DPR HD3  H N N 79  
DPR HXT  H N N 80  
GLN N    N N N 81  
GLN CA   C N S 82  
GLN C    C N N 83  
GLN O    O N N 84  
GLN CB   C N N 85  
GLN CG   C N N 86  
GLN CD   C N N 87  
GLN OE1  O N N 88  
GLN NE2  N N N 89  
GLN OXT  O N N 90  
GLN H    H N N 91  
GLN H2   H N N 92  
GLN HA   H N N 93  
GLN HB2  H N N 94  
GLN HB3  H N N 95  
GLN HG2  H N N 96  
GLN HG3  H N N 97  
GLN HE21 H N N 98  
GLN HE22 H N N 99  
GLN HXT  H N N 100 
GLU N    N N N 101 
GLU CA   C N S 102 
GLU C    C N N 103 
GLU O    O N N 104 
GLU CB   C N N 105 
GLU CG   C N N 106 
GLU CD   C N N 107 
GLU OE1  O N N 108 
GLU OE2  O N N 109 
GLU OXT  O N N 110 
GLU H    H N N 111 
GLU H2   H N N 112 
GLU HA   H N N 113 
GLU HB2  H N N 114 
GLU HB3  H N N 115 
GLU HG2  H N N 116 
GLU HG3  H N N 117 
GLU HE2  H N N 118 
GLU HXT  H N N 119 
GLY N    N N N 120 
GLY CA   C N N 121 
GLY C    C N N 122 
GLY O    O N N 123 
GLY OXT  O N N 124 
GLY H    H N N 125 
GLY H2   H N N 126 
GLY HA2  H N N 127 
GLY HA3  H N N 128 
GLY HXT  H N N 129 
HIS N    N N N 130 
HIS CA   C N S 131 
HIS C    C N N 132 
HIS O    O N N 133 
HIS CB   C N N 134 
HIS CG   C Y N 135 
HIS ND1  N Y N 136 
HIS CD2  C Y N 137 
HIS CE1  C Y N 138 
HIS NE2  N Y N 139 
HIS OXT  O N N 140 
HIS H    H N N 141 
HIS H2   H N N 142 
HIS HA   H N N 143 
HIS HB2  H N N 144 
HIS HB3  H N N 145 
HIS HD1  H N N 146 
HIS HD2  H N N 147 
HIS HE1  H N N 148 
HIS HE2  H N N 149 
HIS HXT  H N N 150 
LEU N    N N N 151 
LEU CA   C N S 152 
LEU C    C N N 153 
LEU O    O N N 154 
LEU CB   C N N 155 
LEU CG   C N N 156 
LEU CD1  C N N 157 
LEU CD2  C N N 158 
LEU OXT  O N N 159 
LEU H    H N N 160 
LEU H2   H N N 161 
LEU HA   H N N 162 
LEU HB2  H N N 163 
LEU HB3  H N N 164 
LEU HG   H N N 165 
LEU HD11 H N N 166 
LEU HD12 H N N 167 
LEU HD13 H N N 168 
LEU HD21 H N N 169 
LEU HD22 H N N 170 
LEU HD23 H N N 171 
LEU HXT  H N N 172 
LYS N    N N N 173 
LYS CA   C N S 174 
LYS C    C N N 175 
LYS O    O N N 176 
LYS CB   C N N 177 
LYS CG   C N N 178 
LYS CD   C N N 179 
LYS CE   C N N 180 
LYS NZ   N N N 181 
LYS OXT  O N N 182 
LYS H    H N N 183 
LYS H2   H N N 184 
LYS HA   H N N 185 
LYS HB2  H N N 186 
LYS HB3  H N N 187 
LYS HG2  H N N 188 
LYS HG3  H N N 189 
LYS HD2  H N N 190 
LYS HD3  H N N 191 
LYS HE2  H N N 192 
LYS HE3  H N N 193 
LYS HZ1  H N N 194 
LYS HZ2  H N N 195 
LYS HZ3  H N N 196 
LYS HXT  H N N 197 
NH2 N    N N N 198 
NH2 HN1  H N N 199 
NH2 HN2  H N N 200 
PHE N    N N N 201 
PHE CA   C N S 202 
PHE C    C N N 203 
PHE O    O N N 204 
PHE CB   C N N 205 
PHE CG   C Y N 206 
PHE CD1  C Y N 207 
PHE CD2  C Y N 208 
PHE CE1  C Y N 209 
PHE CE2  C Y N 210 
PHE CZ   C Y N 211 
PHE OXT  O N N 212 
PHE H    H N N 213 
PHE H2   H N N 214 
PHE HA   H N N 215 
PHE HB2  H N N 216 
PHE HB3  H N N 217 
PHE HD1  H N N 218 
PHE HD2  H N N 219 
PHE HE1  H N N 220 
PHE HE2  H N N 221 
PHE HZ   H N N 222 
PHE HXT  H N N 223 
SER N    N N N 224 
SER CA   C N S 225 
SER C    C N N 226 
SER O    O N N 227 
SER CB   C N N 228 
SER OG   O N N 229 
SER OXT  O N N 230 
SER H    H N N 231 
SER H2   H N N 232 
SER HA   H N N 233 
SER HB2  H N N 234 
SER HB3  H N N 235 
SER HG   H N N 236 
SER HXT  H N N 237 
TYR N    N N N 238 
TYR CA   C N S 239 
TYR C    C N N 240 
TYR O    O N N 241 
TYR CB   C N N 242 
TYR CG   C Y N 243 
TYR CD1  C Y N 244 
TYR CD2  C Y N 245 
TYR CE1  C Y N 246 
TYR CE2  C Y N 247 
TYR CZ   C Y N 248 
TYR OH   O N N 249 
TYR OXT  O N N 250 
TYR H    H N N 251 
TYR H2   H N N 252 
TYR HA   H N N 253 
TYR HB2  H N N 254 
TYR HB3  H N N 255 
TYR HD1  H N N 256 
TYR HD2  H N N 257 
TYR HE1  H N N 258 
TYR HE2  H N N 259 
TYR HH   H N N 260 
TYR HXT  H N N 261 
VAL N    N N N 262 
VAL CA   C N S 263 
VAL C    C N N 264 
VAL O    O N N 265 
VAL CB   C N N 266 
VAL CG1  C N N 267 
VAL CG2  C N N 268 
VAL OXT  O N N 269 
VAL H    H N N 270 
VAL H2   H N N 271 
VAL HA   H N N 272 
VAL HB   H N N 273 
VAL HG11 H N N 274 
VAL HG12 H N N 275 
VAL HG13 H N N 276 
VAL HG21 H N N 277 
VAL HG22 H N N 278 
VAL HG23 H N N 279 
VAL HXT  H N N 280 
# 
loop_
_chem_comp_bond.comp_id 
_chem_comp_bond.atom_id_1 
_chem_comp_bond.atom_id_2 
_chem_comp_bond.value_order 
_chem_comp_bond.pdbx_aromatic_flag 
_chem_comp_bond.pdbx_stereo_config 
_chem_comp_bond.pdbx_ordinal 
ACE C   O    doub N N 1   
ACE C   CH3  sing N N 2   
ACE C   H    sing N N 3   
ACE CH3 H1   sing N N 4   
ACE CH3 H2   sing N N 5   
ACE CH3 H3   sing N N 6   
ALA N   CA   sing N N 7   
ALA N   H    sing N N 8   
ALA N   H2   sing N N 9   
ALA CA  C    sing N N 10  
ALA CA  CB   sing N N 11  
ALA CA  HA   sing N N 12  
ALA C   O    doub N N 13  
ALA C   OXT  sing N N 14  
ALA CB  HB1  sing N N 15  
ALA CB  HB2  sing N N 16  
ALA CB  HB3  sing N N 17  
ALA OXT HXT  sing N N 18  
ARG N   CA   sing N N 19  
ARG N   H    sing N N 20  
ARG N   H2   sing N N 21  
ARG CA  C    sing N N 22  
ARG CA  CB   sing N N 23  
ARG CA  HA   sing N N 24  
ARG C   O    doub N N 25  
ARG C   OXT  sing N N 26  
ARG CB  CG   sing N N 27  
ARG CB  HB2  sing N N 28  
ARG CB  HB3  sing N N 29  
ARG CG  CD   sing N N 30  
ARG CG  HG2  sing N N 31  
ARG CG  HG3  sing N N 32  
ARG CD  NE   sing N N 33  
ARG CD  HD2  sing N N 34  
ARG CD  HD3  sing N N 35  
ARG NE  CZ   sing N N 36  
ARG NE  HE   sing N N 37  
ARG CZ  NH1  sing N N 38  
ARG CZ  NH2  doub N N 39  
ARG NH1 HH11 sing N N 40  
ARG NH1 HH12 sing N N 41  
ARG NH2 HH21 sing N N 42  
ARG NH2 HH22 sing N N 43  
ARG OXT HXT  sing N N 44  
ASP N   CA   sing N N 45  
ASP N   H    sing N N 46  
ASP N   H2   sing N N 47  
ASP CA  C    sing N N 48  
ASP CA  CB   sing N N 49  
ASP CA  HA   sing N N 50  
ASP C   O    doub N N 51  
ASP C   OXT  sing N N 52  
ASP CB  CG   sing N N 53  
ASP CB  HB2  sing N N 54  
ASP CB  HB3  sing N N 55  
ASP CG  OD1  doub N N 56  
ASP CG  OD2  sing N N 57  
ASP OD2 HD2  sing N N 58  
ASP OXT HXT  sing N N 59  
DPR N   CA   sing N N 60  
DPR N   CD   sing N N 61  
DPR N   H    sing N N 62  
DPR CA  CB   sing N N 63  
DPR CA  C    sing N N 64  
DPR CA  HA   sing N N 65  
DPR CB  CG   sing N N 66  
DPR CB  HB2  sing N N 67  
DPR CB  HB3  sing N N 68  
DPR CG  CD   sing N N 69  
DPR CG  HG2  sing N N 70  
DPR CG  HG3  sing N N 71  
DPR CD  HD2  sing N N 72  
DPR CD  HD3  sing N N 73  
DPR C   O    doub N N 74  
DPR C   OXT  sing N N 75  
DPR OXT HXT  sing N N 76  
GLN N   CA   sing N N 77  
GLN N   H    sing N N 78  
GLN N   H2   sing N N 79  
GLN CA  C    sing N N 80  
GLN CA  CB   sing N N 81  
GLN CA  HA   sing N N 82  
GLN C   O    doub N N 83  
GLN C   OXT  sing N N 84  
GLN CB  CG   sing N N 85  
GLN CB  HB2  sing N N 86  
GLN CB  HB3  sing N N 87  
GLN CG  CD   sing N N 88  
GLN CG  HG2  sing N N 89  
GLN CG  HG3  sing N N 90  
GLN CD  OE1  doub N N 91  
GLN CD  NE2  sing N N 92  
GLN NE2 HE21 sing N N 93  
GLN NE2 HE22 sing N N 94  
GLN OXT HXT  sing N N 95  
GLU N   CA   sing N N 96  
GLU N   H    sing N N 97  
GLU N   H2   sing N N 98  
GLU CA  C    sing N N 99  
GLU CA  CB   sing N N 100 
GLU CA  HA   sing N N 101 
GLU C   O    doub N N 102 
GLU C   OXT  sing N N 103 
GLU CB  CG   sing N N 104 
GLU CB  HB2  sing N N 105 
GLU CB  HB3  sing N N 106 
GLU CG  CD   sing N N 107 
GLU CG  HG2  sing N N 108 
GLU CG  HG3  sing N N 109 
GLU CD  OE1  doub N N 110 
GLU CD  OE2  sing N N 111 
GLU OE2 HE2  sing N N 112 
GLU OXT HXT  sing N N 113 
GLY N   CA   sing N N 114 
GLY N   H    sing N N 115 
GLY N   H2   sing N N 116 
GLY CA  C    sing N N 117 
GLY CA  HA2  sing N N 118 
GLY CA  HA3  sing N N 119 
GLY C   O    doub N N 120 
GLY C   OXT  sing N N 121 
GLY OXT HXT  sing N N 122 
HIS N   CA   sing N N 123 
HIS N   H    sing N N 124 
HIS N   H2   sing N N 125 
HIS CA  C    sing N N 126 
HIS CA  CB   sing N N 127 
HIS CA  HA   sing N N 128 
HIS C   O    doub N N 129 
HIS C   OXT  sing N N 130 
HIS CB  CG   sing N N 131 
HIS CB  HB2  sing N N 132 
HIS CB  HB3  sing N N 133 
HIS CG  ND1  sing Y N 134 
HIS CG  CD2  doub Y N 135 
HIS ND1 CE1  doub Y N 136 
HIS ND1 HD1  sing N N 137 
HIS CD2 NE2  sing Y N 138 
HIS CD2 HD2  sing N N 139 
HIS CE1 NE2  sing Y N 140 
HIS CE1 HE1  sing N N 141 
HIS NE2 HE2  sing N N 142 
HIS OXT HXT  sing N N 143 
LEU N   CA   sing N N 144 
LEU N   H    sing N N 145 
LEU N   H2   sing N N 146 
LEU CA  C    sing N N 147 
LEU CA  CB   sing N N 148 
LEU CA  HA   sing N N 149 
LEU C   O    doub N N 150 
LEU C   OXT  sing N N 151 
LEU CB  CG   sing N N 152 
LEU CB  HB2  sing N N 153 
LEU CB  HB3  sing N N 154 
LEU CG  CD1  sing N N 155 
LEU CG  CD2  sing N N 156 
LEU CG  HG   sing N N 157 
LEU CD1 HD11 sing N N 158 
LEU CD1 HD12 sing N N 159 
LEU CD1 HD13 sing N N 160 
LEU CD2 HD21 sing N N 161 
LEU CD2 HD22 sing N N 162 
LEU CD2 HD23 sing N N 163 
LEU OXT HXT  sing N N 164 
LYS N   CA   sing N N 165 
LYS N   H    sing N N 166 
LYS N   H2   sing N N 167 
LYS CA  C    sing N N 168 
LYS CA  CB   sing N N 169 
LYS CA  HA   sing N N 170 
LYS C   O    doub N N 171 
LYS C   OXT  sing N N 172 
LYS CB  CG   sing N N 173 
LYS CB  HB2  sing N N 174 
LYS CB  HB3  sing N N 175 
LYS CG  CD   sing N N 176 
LYS CG  HG2  sing N N 177 
LYS CG  HG3  sing N N 178 
LYS CD  CE   sing N N 179 
LYS CD  HD2  sing N N 180 
LYS CD  HD3  sing N N 181 
LYS CE  NZ   sing N N 182 
LYS CE  HE2  sing N N 183 
LYS CE  HE3  sing N N 184 
LYS NZ  HZ1  sing N N 185 
LYS NZ  HZ2  sing N N 186 
LYS NZ  HZ3  sing N N 187 
LYS OXT HXT  sing N N 188 
NH2 N   HN1  sing N N 189 
NH2 N   HN2  sing N N 190 
PHE N   CA   sing N N 191 
PHE N   H    sing N N 192 
PHE N   H2   sing N N 193 
PHE CA  C    sing N N 194 
PHE CA  CB   sing N N 195 
PHE CA  HA   sing N N 196 
PHE C   O    doub N N 197 
PHE C   OXT  sing N N 198 
PHE CB  CG   sing N N 199 
PHE CB  HB2  sing N N 200 
PHE CB  HB3  sing N N 201 
PHE CG  CD1  doub Y N 202 
PHE CG  CD2  sing Y N 203 
PHE CD1 CE1  sing Y N 204 
PHE CD1 HD1  sing N N 205 
PHE CD2 CE2  doub Y N 206 
PHE CD2 HD2  sing N N 207 
PHE CE1 CZ   doub Y N 208 
PHE CE1 HE1  sing N N 209 
PHE CE2 CZ   sing Y N 210 
PHE CE2 HE2  sing N N 211 
PHE CZ  HZ   sing N N 212 
PHE OXT HXT  sing N N 213 
SER N   CA   sing N N 214 
SER N   H    sing N N 215 
SER N   H2   sing N N 216 
SER CA  C    sing N N 217 
SER CA  CB   sing N N 218 
SER CA  HA   sing N N 219 
SER C   O    doub N N 220 
SER C   OXT  sing N N 221 
SER CB  OG   sing N N 222 
SER CB  HB2  sing N N 223 
SER CB  HB3  sing N N 224 
SER OG  HG   sing N N 225 
SER OXT HXT  sing N N 226 
TYR N   CA   sing N N 227 
TYR N   H    sing N N 228 
TYR N   H2   sing N N 229 
TYR CA  C    sing N N 230 
TYR CA  CB   sing N N 231 
TYR CA  HA   sing N N 232 
TYR C   O    doub N N 233 
TYR C   OXT  sing N N 234 
TYR CB  CG   sing N N 235 
TYR CB  HB2  sing N N 236 
TYR CB  HB3  sing N N 237 
TYR CG  CD1  doub Y N 238 
TYR CG  CD2  sing Y N 239 
TYR CD1 CE1  sing Y N 240 
TYR CD1 HD1  sing N N 241 
TYR CD2 CE2  doub Y N 242 
TYR CD2 HD2  sing N N 243 
TYR CE1 CZ   doub Y N 244 
TYR CE1 HE1  sing N N 245 
TYR CE2 CZ   sing Y N 246 
TYR CE2 HE2  sing N N 247 
TYR CZ  OH   sing N N 248 
TYR OH  HH   sing N N 249 
TYR OXT HXT  sing N N 250 
VAL N   CA   sing N N 251 
VAL N   H    sing N N 252 
VAL N   H2   sing N N 253 
VAL CA  C    sing N N 254 
VAL CA  CB   sing N N 255 
VAL CA  HA   sing N N 256 
VAL C   O    doub N N 257 
VAL C   OXT  sing N N 258 
VAL CB  CG1  sing N N 259 
VAL CB  CG2  sing N N 260 
VAL CB  HB   sing N N 261 
VAL CG1 HG11 sing N N 262 
VAL CG1 HG12 sing N N 263 
VAL CG1 HG13 sing N N 264 
VAL CG2 HG21 sing N N 265 
VAL CG2 HG22 sing N N 266 
VAL CG2 HG23 sing N N 267 
VAL OXT HXT  sing N N 268 
# 
_pdbx_nmr_spectrometer.spectrometer_id   1 
_pdbx_nmr_spectrometer.type              ? 
_pdbx_nmr_spectrometer.manufacturer      Varian 
_pdbx_nmr_spectrometer.model             UNITYPLUS 
_pdbx_nmr_spectrometer.field_strength    600 
# 
_atom_sites.entry_id                    1T8J 
_atom_sites.fract_transf_matrix[1][1]   1.000000 
_atom_sites.fract_transf_matrix[1][2]   0.000000 
_atom_sites.fract_transf_matrix[1][3]   0.000000 
_atom_sites.fract_transf_matrix[2][1]   0.000000 
_atom_sites.fract_transf_matrix[2][2]   1.000000 
_atom_sites.fract_transf_matrix[2][3]   0.000000 
_atom_sites.fract_transf_matrix[3][1]   0.000000 
_atom_sites.fract_transf_matrix[3][2]   0.000000 
_atom_sites.fract_transf_matrix[3][3]   1.000000 
_atom_sites.fract_transf_vector[1]      0.00000 
_atom_sites.fract_transf_vector[2]      0.00000 
_atom_sites.fract_transf_vector[3]      0.00000 
# 
loop_
_atom_type.symbol 
C 
H 
N 
O 
# 
loop_
_atom_site.group_PDB 
_atom_site.id 
_atom_site.type_symbol 
_atom_site.label_atom_id 
_atom_site.label_alt_id 
_atom_site.label_comp_id 
_atom_site.label_asym_id 
_atom_site.label_entity_id 
_atom_site.label_seq_id 
_atom_site.pdbx_PDB_ins_code 
_atom_site.Cartn_x 
_atom_site.Cartn_y 
_atom_site.Cartn_z 
_atom_site.occupancy 
_atom_site.B_iso_or_equiv 
_atom_site.pdbx_formal_charge 
_atom_site.auth_seq_id 
_atom_site.auth_comp_id 
_atom_site.auth_asym_id 
_atom_site.auth_atom_id 
_atom_site.pdbx_PDB_model_num 
HETATM 1   C C    . ACE A 1 1  ? -2.170 5.308   -2.279  1.00 0.00 ? 0  ACE A C    1 
HETATM 2   O O    . ACE A 1 1  ? -1.126 4.743   -2.589  1.00 0.00 ? 0  ACE A O    1 
HETATM 3   C CH3  . ACE A 1 1  ? -2.899 6.152   -3.342  1.00 0.00 ? 0  ACE A CH3  1 
HETATM 4   H H1   . ACE A 1 1  ? -3.965 5.876   -3.366  1.00 0.00 ? 0  ACE A H1   1 
HETATM 5   H H2   . ACE A 1 1  ? -2.477 5.985   -4.343  1.00 0.00 ? 0  ACE A H2   1 
HETATM 6   H H3   . ACE A 1 1  ? -2.810 7.221   -3.084  1.00 0.00 ? 0  ACE A H3   1 
ATOM   7   N N    . TYR A 1 2  ? -2.604 5.083   -1.016  1.00 0.00 ? 1  TYR A N    1 
ATOM   8   C CA   . TYR A 1 2  ? -3.602 5.854   -0.223  1.00 0.00 ? 1  TYR A CA   1 
ATOM   9   C C    . TYR A 1 2  ? -3.324 5.620   1.278   1.00 0.00 ? 1  TYR A C    1 
ATOM   10  O O    . TYR A 1 2  ? -3.055 4.468   1.634   1.00 0.00 ? 1  TYR A O    1 
ATOM   11  C CB   . TYR A 1 2  ? -5.064 5.474   -0.588  1.00 0.00 ? 1  TYR A CB   1 
ATOM   12  C CG   . TYR A 1 2  ? -5.424 3.973   -0.739  1.00 0.00 ? 1  TYR A CG   1 
ATOM   13  C CD1  . TYR A 1 2  ? -5.759 3.214   0.373   1.00 0.00 ? 1  TYR A CD1  1 
ATOM   14  C CD2  . TYR A 1 2  ? -5.341 3.347   -1.982  1.00 0.00 ? 1  TYR A CD2  1 
ATOM   15  C CE1  . TYR A 1 2  ? -6.066 1.874   0.239   1.00 0.00 ? 1  TYR A CE1  1 
ATOM   16  C CE2  . TYR A 1 2  ? -5.652 2.008   -2.108  1.00 0.00 ? 1  TYR A CE2  1 
ATOM   17  C CZ   . TYR A 1 2  ? -6.021 1.273   -1.001  1.00 0.00 ? 1  TYR A CZ   1 
ATOM   18  O OH   . TYR A 1 2  ? -6.319 -0.058  -1.129  1.00 0.00 ? 1  TYR A OH   1 
ATOM   19  H H    . TYR A 1 2  ? -2.322 4.187   -0.626  1.00 0.00 ? 1  TYR A H    1 
ATOM   20  H HA   . TYR A 1 2  ? -3.382 6.903   -0.502  1.00 0.00 ? 1  TYR A HA   1 
ATOM   21  H HB2  . TYR A 1 2  ? -5.744 5.941   0.139   1.00 0.00 ? 1  TYR A HB2  1 
ATOM   22  H HB3  . TYR A 1 2  ? -5.261 5.984   -1.546  1.00 0.00 ? 1  TYR A HB3  1 
ATOM   23  H HD1  . TYR A 1 2  ? -5.747 3.639   1.363   1.00 0.00 ? 1  TYR A HD1  1 
ATOM   24  H HD2  . TYR A 1 2  ? -5.007 3.871   -2.874  1.00 0.00 ? 1  TYR A HD2  1 
ATOM   25  H HE1  . TYR A 1 2  ? -6.327 1.292   1.111   1.00 0.00 ? 1  TYR A HE1  1 
ATOM   26  H HE2  . TYR A 1 2  ? -5.591 1.530   -3.075  1.00 0.00 ? 1  TYR A HE2  1 
ATOM   27  H HH   . TYR A 1 2  ? -6.230 -0.311  -2.051  1.00 0.00 ? 1  TYR A HH   1 
ATOM   28  N N    . ARG A 1 3  ? -3.419 6.680   2.144   1.00 0.00 ? 2  ARG A N    1 
ATOM   29  C CA   . ARG A 1 3  ? -3.050 6.673   3.617   1.00 0.00 ? 2  ARG A CA   1 
ATOM   30  C C    . ARG A 1 3  ? -3.010 5.269   4.290   1.00 0.00 ? 2  ARG A C    1 
ATOM   31  O O    . ARG A 1 3  ? -4.008 4.543   4.151   1.00 0.00 ? 2  ARG A O    1 
ATOM   32  C CB   . ARG A 1 3  ? -4.084 7.434   4.513   1.00 0.00 ? 2  ARG A CB   1 
ATOM   33  C CG   . ARG A 1 3  ? -4.072 8.984   4.551   1.00 0.00 ? 2  ARG A CG   1 
ATOM   34  C CD   . ARG A 1 3  ? -3.115 9.624   5.590   1.00 0.00 ? 2  ARG A CD   1 
ATOM   35  N NE   . ARG A 1 3  ? -3.299 11.097  5.634   1.00 0.00 ? 2  ARG A NE   1 
ATOM   36  C CZ   . ARG A 1 3  ? -2.885 11.930  6.623   1.00 0.00 ? 2  ARG A CZ   1 
ATOM   37  N NH1  . ARG A 1 3  ? -2.235 11.572  7.740   1.00 0.00 ? 2  ARG A NH1  1 
ATOM   38  N NH2  . ARG A 1 3  ? -3.146 13.216  6.470   1.00 0.00 ? 2  ARG A NH2  1 
ATOM   39  H H    . ARG A 1 3  ? -3.686 7.555   1.683   1.00 0.00 ? 2  ARG A H    1 
ATOM   40  H HA   . ARG A 1 3  ? -2.083 7.218   3.707   1.00 0.00 ? 2  ARG A HA   1 
ATOM   41  H HB2  . ARG A 1 3  ? -5.075 7.055   4.198   1.00 0.00 ? 2  ARG A HB2  1 
ATOM   42  H HB3  . ARG A 1 3  ? -4.037 7.059   5.566   1.00 0.00 ? 2  ARG A HB3  1 
ATOM   43  H HG2  . ARG A 1 3  ? -3.864 9.390   3.544   1.00 0.00 ? 2  ARG A HG2  1 
ATOM   44  H HG3  . ARG A 1 3  ? -5.103 9.309   4.785   1.00 0.00 ? 2  ARG A HG3  1 
ATOM   45  H HD2  . ARG A 1 3  ? -3.266 9.196   6.601   1.00 0.00 ? 2  ARG A HD2  1 
ATOM   46  H HD3  . ARG A 1 3  ? -2.064 9.400   5.359   1.00 0.00 ? 2  ARG A HD3  1 
ATOM   47  H HE   . ARG A 1 3  ? -3.778 11.582  4.867   1.00 0.00 ? 2  ARG A HE   1 
ATOM   48  H HH11 . ARG A 1 3  ? -2.035 10.572  7.854   1.00 0.00 ? 2  ARG A HH11 1 
ATOM   49  H HH12 . ARG A 1 3  ? -1.991 12.327  8.392   1.00 0.00 ? 2  ARG A HH12 1 
ATOM   50  H HH21 . ARG A 1 3  ? -3.643 13.484  5.614   1.00 0.00 ? 2  ARG A HH21 1 
ATOM   51  H HH22 . ARG A 1 3  ? -2.832 13.840  7.220   1.00 0.00 ? 2  ARG A HH22 1 
ATOM   52  N N    . VAL A 1 4  ? -1.908 4.882   4.963   1.00 0.00 ? 3  VAL A N    1 
ATOM   53  C CA   . VAL A 1 4  ? -1.911 3.650   5.828   1.00 0.00 ? 3  VAL A CA   1 
ATOM   54  C C    . VAL A 1 4  ? -1.030 4.073   7.090   1.00 0.00 ? 3  VAL A C    1 
ATOM   55  O O    . VAL A 1 4  ? 0.126  3.627   7.134   1.00 0.00 ? 3  VAL A O    1 
ATOM   56  C CB   . VAL A 1 4  ? -1.568 2.302   5.113   1.00 0.00 ? 3  VAL A CB   1 
ATOM   57  C CG1  . VAL A 1 4  ? -1.556 1.039   6.004   1.00 0.00 ? 3  VAL A CG1  1 
ATOM   58  C CG2  . VAL A 1 4  ? -2.431 1.990   3.840   1.00 0.00 ? 3  VAL A CG2  1 
ATOM   59  H H    . VAL A 1 4  ? -1.151 5.573   4.997   1.00 0.00 ? 3  VAL A H    1 
ATOM   60  H HA   . VAL A 1 4  ? -2.936 3.484   6.215   1.00 0.00 ? 3  VAL A HA   1 
ATOM   61  H HB   . VAL A 1 4  ? -0.524 2.532   4.886   1.00 0.00 ? 3  VAL A HB   1 
ATOM   62  H HG11 . VAL A 1 4  ? -1.136 0.167   5.467   1.00 0.00 ? 3  VAL A HG11 1 
ATOM   63  H HG12 . VAL A 1 4  ? -0.917 1.219   6.884   1.00 0.00 ? 3  VAL A HG12 1 
ATOM   64  H HG13 . VAL A 1 4  ? -2.573 0.789   6.358   1.00 0.00 ? 3  VAL A HG13 1 
ATOM   65  H HG21 . VAL A 1 4  ? -2.190 2.712   3.033   1.00 0.00 ? 3  VAL A HG21 1 
ATOM   66  H HG22 . VAL A 1 4  ? -2.304 0.990   3.402   1.00 0.00 ? 3  VAL A HG22 1 
ATOM   67  H HG23 . VAL A 1 4  ? -3.510 2.129   4.030   1.00 0.00 ? 3  VAL A HG23 1 
HETATM 68  N N    . DPR A 1 5  ? -1.499 4.871   8.119   1.00 0.00 ? 4  DPR A N    1 
HETATM 69  C CA   . DPR A 1 5  ? -0.775 5.074   9.398   1.00 0.00 ? 4  DPR A CA   1 
HETATM 70  C CB   . DPR A 1 5  ? -1.945 5.456   10.329  1.00 0.00 ? 4  DPR A CB   1 
HETATM 71  C CG   . DPR A 1 5  ? -2.996 6.182   9.473   1.00 0.00 ? 4  DPR A CG   1 
HETATM 72  C CD   . DPR A 1 5  ? -2.785 5.600   8.077   1.00 0.00 ? 4  DPR A CD   1 
HETATM 73  C C    . DPR A 1 5  ? 0.348  6.148   9.263   1.00 0.00 ? 4  DPR A C    1 
HETATM 74  O O    . DPR A 1 5  ? 0.024  7.331   9.087   1.00 0.00 ? 4  DPR A O    1 
HETATM 75  H HA   . DPR A 1 5  ? -0.361 4.098   9.722   1.00 0.00 ? 4  DPR A HA   1 
HETATM 76  H HB2  . DPR A 1 5  ? -2.393 4.533   10.739  1.00 0.00 ? 4  DPR A HB2  1 
HETATM 77  H HB3  . DPR A 1 5  ? -1.616 6.064   11.191  1.00 0.00 ? 4  DPR A HB3  1 
HETATM 78  H HG2  . DPR A 1 5  ? -2.793 7.267   9.462   1.00 0.00 ? 4  DPR A HG2  1 
HETATM 79  H HG3  . DPR A 1 5  ? -4.024 6.031   9.848   1.00 0.00 ? 4  DPR A HG3  1 
HETATM 80  H HD2  . DPR A 1 5  ? -2.674 6.327   7.243   1.00 0.00 ? 4  DPR A HD2  1 
HETATM 81  H HD3  . DPR A 1 5  ? -3.558 4.878   7.756   1.00 0.00 ? 4  DPR A HD3  1 
ATOM   82  N N    . SER A 1 6  ? 1.630  5.724   9.275   1.00 0.00 ? 5  SER A N    1 
ATOM   83  C CA   . SER A 1 6  ? 2.762  6.625   8.900   1.00 0.00 ? 5  SER A CA   1 
ATOM   84  C C    . SER A 1 6  ? 3.033  6.602   7.374   1.00 0.00 ? 5  SER A C    1 
ATOM   85  O O    . SER A 1 6  ? 4.046  6.092   6.874   1.00 0.00 ? 5  SER A O    1 
ATOM   86  C CB   . SER A 1 6  ? 3.967  6.310   9.803   1.00 0.00 ? 5  SER A CB   1 
ATOM   87  O OG   . SER A 1 6  ? 3.655  6.585   11.162  1.00 0.00 ? 5  SER A OG   1 
ATOM   88  H H    . SER A 1 6  ? 1.750  4.710   9.368   1.00 0.00 ? 5  SER A H    1 
ATOM   89  H HA   . SER A 1 6  ? 2.477  7.674   9.073   1.00 0.00 ? 5  SER A HA   1 
ATOM   90  H HB2  . SER A 1 6  ? 4.266  5.252   9.691   1.00 0.00 ? 5  SER A HB2  1 
ATOM   91  H HB3  . SER A 1 6  ? 4.838  6.918   9.496   1.00 0.00 ? 5  SER A HB3  1 
ATOM   92  H HG   . SER A 1 6  ? 4.447  6.372   11.663  1.00 0.00 ? 5  SER A HG   1 
ATOM   93  N N    . TYR A 1 7  ? 2.029  7.164   6.649   1.00 0.00 ? 6  TYR A N    1 
ATOM   94  C CA   . TYR A 1 7  ? 1.940  7.168   5.181   1.00 0.00 ? 6  TYR A CA   1 
ATOM   95  C C    . TYR A 1 7  ? 0.738  8.001   4.698   1.00 0.00 ? 6  TYR A C    1 
ATOM   96  O O    . TYR A 1 7  ? -0.369 7.864   5.222   1.00 0.00 ? 6  TYR A O    1 
ATOM   97  C CB   . TYR A 1 7  ? 1.728  5.763   4.536   1.00 0.00 ? 6  TYR A CB   1 
ATOM   98  C CG   . TYR A 1 7  ? 2.993  4.968   4.218   1.00 0.00 ? 6  TYR A CG   1 
ATOM   99  C CD1  . TYR A 1 7  ? 3.796  5.330   3.139   1.00 0.00 ? 6  TYR A CD1  1 
ATOM   100 C CD2  . TYR A 1 7  ? 3.303  3.835   4.945   1.00 0.00 ? 6  TYR A CD2  1 
ATOM   101 C CE1  . TYR A 1 7  ? 4.899  4.591   2.812   1.00 0.00 ? 6  TYR A CE1  1 
ATOM   102 C CE2  . TYR A 1 7  ? 4.391  3.079   4.594   1.00 0.00 ? 6  TYR A CE2  1 
ATOM   103 C CZ   . TYR A 1 7  ? 5.202  3.451   3.534   1.00 0.00 ? 6  TYR A CZ   1 
ATOM   104 O OH   . TYR A 1 7  ? 6.279  2.680   3.184   1.00 0.00 ? 6  TYR A OH   1 
ATOM   105 H H    . TYR A 1 7  ? 1.225  7.448   7.217   1.00 0.00 ? 6  TYR A H    1 
ATOM   106 H HA   . TYR A 1 7  ? 2.884  7.540   4.776   1.00 0.00 ? 6  TYR A HA   1 
ATOM   107 H HB2  . TYR A 1 7  ? 1.013  5.208   5.160   1.00 0.00 ? 6  TYR A HB2  1 
ATOM   108 H HB3  . TYR A 1 7  ? 1.236  5.916   3.566   1.00 0.00 ? 6  TYR A HB3  1 
ATOM   109 H HD1  . TYR A 1 7  ? 3.575  6.196   2.527   1.00 0.00 ? 6  TYR A HD1  1 
ATOM   110 H HD2  . TYR A 1 7  ? 2.696  3.494   5.774   1.00 0.00 ? 6  TYR A HD2  1 
ATOM   111 H HE1  . TYR A 1 7  ? 5.441  4.934   1.949   1.00 0.00 ? 6  TYR A HE1  1 
ATOM   112 H HE2  . TYR A 1 7  ? 4.541  2.188   5.167   1.00 0.00 ? 6  TYR A HE2  1 
ATOM   113 H HH   . TYR A 1 7  ? 6.717  3.078   2.428   1.00 0.00 ? 6  TYR A HH   1 
ATOM   114 N N    . ASP A 1 8  ? 1.018  8.767   3.628   1.00 0.00 ? 7  ASP A N    1 
ATOM   115 C CA   . ASP A 1 8  ? 0.023  9.300   2.685   1.00 0.00 ? 7  ASP A CA   1 
ATOM   116 C C    . ASP A 1 8  ? 0.712  9.039   1.308   1.00 0.00 ? 7  ASP A C    1 
ATOM   117 O O    . ASP A 1 8  ? 1.399  9.914   0.773   1.00 0.00 ? 7  ASP A O    1 
ATOM   118 C CB   . ASP A 1 8  ? -0.461 10.707  3.039   1.00 0.00 ? 7  ASP A CB   1 
ATOM   119 C CG   . ASP A 1 8  ? 0.503  11.888  2.875   1.00 0.00 ? 7  ASP A CG   1 
ATOM   120 O OD1  . ASP A 1 8  ? 1.285  12.160  3.811   1.00 0.00 ? 7  ASP A OD1  1 
ATOM   121 O OD2  . ASP A 1 8  ? 0.476  12.543  1.811   1.00 0.00 ? 7  ASP A OD2  1 
ATOM   122 H H    . ASP A 1 8  ? 1.999  8.804   3.381   1.00 0.00 ? 7  ASP A H    1 
ATOM   123 H HA   . ASP A 1 8  ? -0.897 8.689   2.725   1.00 0.00 ? 7  ASP A HA   1 
ATOM   124 H HB2  . ASP A 1 8  ? -1.371 10.853  2.442   1.00 0.00 ? 7  ASP A HB2  1 
ATOM   125 H HB3  . ASP A 1 8  ? -0.785 10.644  4.093   1.00 0.00 ? 7  ASP A HB3  1 
ATOM   126 N N    . PHE A 1 9  ? 0.555  7.789   0.802   1.00 0.00 ? 8  PHE A N    1 
ATOM   127 C CA   . PHE A 1 9  ? 1.303  7.208   -0.358  1.00 0.00 ? 8  PHE A CA   1 
ATOM   128 C C    . PHE A 1 9  ? 1.216  8.011   -1.689  1.00 0.00 ? 8  PHE A C    1 
ATOM   129 O O    . PHE A 1 9  ? 2.272  8.351   -2.230  1.00 0.00 ? 8  PHE A O    1 
ATOM   130 C CB   . PHE A 1 9  ? 0.917  5.719   -0.502  1.00 0.00 ? 8  PHE A CB   1 
ATOM   131 C CG   . PHE A 1 9  ? 1.415  4.727   0.543   1.00 0.00 ? 8  PHE A CG   1 
ATOM   132 C CD1  . PHE A 1 9  ? 0.564  4.400   1.579   1.00 0.00 ? 8  PHE A CD1  1 
ATOM   133 C CD2  . PHE A 1 9  ? 2.552  3.963   0.324   1.00 0.00 ? 8  PHE A CD2  1 
ATOM   134 C CE1  . PHE A 1 9  ? 0.810  3.288   2.317   1.00 0.00 ? 8  PHE A CE1  1 
ATOM   135 C CE2  . PHE A 1 9  ? 2.754  2.807   1.038   1.00 0.00 ? 8  PHE A CE2  1 
ATOM   136 C CZ   . PHE A 1 9  ? 1.873  2.468   2.041   1.00 0.00 ? 8  PHE A CZ   1 
ATOM   137 H H    . PHE A 1 9  ? -0.052 7.192   1.375   1.00 0.00 ? 8  PHE A H    1 
ATOM   138 H HA   . PHE A 1 9  ? 2.370  7.130   -0.130  1.00 0.00 ? 8  PHE A HA   1 
ATOM   139 H HB2  . PHE A 1 9  ? -0.175 5.662   -0.520  1.00 0.00 ? 8  PHE A HB2  1 
ATOM   140 H HB3  . PHE A 1 9  ? 1.231  5.333   -1.481  1.00 0.00 ? 8  PHE A HB3  1 
ATOM   141 H HD1  . PHE A 1 9  ? -0.364 4.917   1.808   1.00 0.00 ? 8  PHE A HD1  1 
ATOM   142 H HD2  . PHE A 1 9  ? 3.222  4.158   -0.494  1.00 0.00 ? 8  PHE A HD2  1 
ATOM   143 H HE1  . PHE A 1 9  ? 0.030  2.991   2.965   1.00 0.00 ? 8  PHE A HE1  1 
ATOM   144 H HE2  . PHE A 1 9  ? 3.538  2.144   0.716   1.00 0.00 ? 8  PHE A HE2  1 
ATOM   145 H HZ   . PHE A 1 9  ? 1.877  1.508   2.523   1.00 0.00 ? 8  PHE A HZ   1 
ATOM   146 N N    . SER A 1 10 ? -0.010 8.325   -2.208  1.00 0.00 ? 9  SER A N    1 
ATOM   147 C CA   . SER A 1 10 ? -0.271 8.887   -3.586  1.00 0.00 ? 9  SER A CA   1 
ATOM   148 C C    . SER A 1 10 ? 0.438  8.091   -4.743  1.00 0.00 ? 9  SER A C    1 
ATOM   149 O O    . SER A 1 10 ? 1.340  8.558   -5.451  1.00 0.00 ? 9  SER A O    1 
ATOM   150 C CB   . SER A 1 10 ? -0.024 10.396  -3.588  1.00 0.00 ? 9  SER A CB   1 
ATOM   151 O OG   . SER A 1 10 ? -0.318 10.960  -4.857  1.00 0.00 ? 9  SER A OG   1 
ATOM   152 H H    . SER A 1 10 ? -0.759 7.870   -1.678  1.00 0.00 ? 9  SER A H    1 
ATOM   153 H HA   . SER A 1 10 ? -1.359 8.810   -3.732  1.00 0.00 ? 9  SER A HA   1 
ATOM   154 H HB2  . SER A 1 10 ? -0.661 10.837  -2.801  1.00 0.00 ? 9  SER A HB2  1 
ATOM   155 H HB3  . SER A 1 10 ? 1.034  10.546  -3.317  1.00 0.00 ? 9  SER A HB3  1 
ATOM   156 H HG   . SER A 1 10 ? -0.137 11.900  -4.777  1.00 0.00 ? 9  SER A HG   1 
ATOM   157 N N    . ARG A 1 11 ? 0.008  6.815   -4.810  1.00 0.00 ? 10 ARG A N    1 
ATOM   158 C CA   . ARG A 1 11 ? 0.671  5.703   -5.540  1.00 0.00 ? 10 ARG A CA   1 
ATOM   159 C C    . ARG A 1 11 ? -0.373 4.684   -6.116  1.00 0.00 ? 10 ARG A C    1 
ATOM   160 O O    . ARG A 1 11 ? -0.482 4.586   -7.340  1.00 0.00 ? 10 ARG A O    1 
ATOM   161 C CB   . ARG A 1 11 ? 1.789  5.056   -4.643  1.00 0.00 ? 10 ARG A CB   1 
ATOM   162 C CG   . ARG A 1 11 ? 3.126  5.805   -4.376  1.00 0.00 ? 10 ARG A CG   1 
ATOM   163 C CD   . ARG A 1 11 ? 4.153  5.927   -5.526  1.00 0.00 ? 10 ARG A CD   1 
ATOM   164 N NE   . ARG A 1 11 ? 3.799  6.999   -6.498  1.00 0.00 ? 10 ARG A NE   1 
ATOM   165 C CZ   . ARG A 1 11 ? 4.396  7.229   -7.696  1.00 0.00 ? 10 ARG A CZ   1 
ATOM   166 N NH1  . ARG A 1 11 ? 5.415  6.528   -8.219  1.00 0.00 ? 10 ARG A NH1  1 
ATOM   167 N NH2  . ARG A 1 11 ? 3.932  8.234   -8.414  1.00 0.00 ? 10 ARG A NH2  1 
ATOM   168 H H    . ARG A 1 11 ? -0.730 6.633   -4.120  1.00 0.00 ? 10 ARG A H    1 
ATOM   169 H HA   . ARG A 1 11 ? 1.226  6.073   -6.399  1.00 0.00 ? 10 ARG A HA   1 
ATOM   170 H HB2  . ARG A 1 11 ? 1.313  4.860   -3.662  1.00 0.00 ? 10 ARG A HB2  1 
ATOM   171 H HB3  . ARG A 1 11 ? 2.027  4.072   -5.059  1.00 0.00 ? 10 ARG A HB3  1 
ATOM   172 H HG2  . ARG A 1 11 ? 2.895  6.806   -3.974  1.00 0.00 ? 10 ARG A HG2  1 
ATOM   173 H HG3  . ARG A 1 11 ? 3.621  5.269   -3.546  1.00 0.00 ? 10 ARG A HG3  1 
ATOM   174 H HD2  . ARG A 1 11 ? 5.149  6.151   -5.104  1.00 0.00 ? 10 ARG A HD2  1 
ATOM   175 H HD3  . ARG A 1 11 ? 4.256  4.968   -6.063  1.00 0.00 ? 10 ARG A HD3  1 
ATOM   176 H HE   . ARG A 1 11 ? 3.038  7.654   -6.291  1.00 0.00 ? 10 ARG A HE   1 
ATOM   177 H HH11 . ARG A 1 11 ? 5.772  5.748   -7.657  1.00 0.00 ? 10 ARG A HH11 1 
ATOM   178 H HH12 . ARG A 1 11 ? 5.755  6.830   -9.138  1.00 0.00 ? 10 ARG A HH12 1 
ATOM   179 H HH21 . ARG A 1 11 ? 3.153  8.766   -8.008  1.00 0.00 ? 10 ARG A HH21 1 
ATOM   180 H HH22 . ARG A 1 11 ? 4.387  8.403   -9.317  1.00 0.00 ? 10 ARG A HH22 1 
ATOM   181 N N    . SER A 1 12 ? -1.088 3.906   -5.252  1.00 0.00 ? 11 SER A N    1 
ATOM   182 C CA   . SER A 1 12 ? -1.930 2.705   -5.580  1.00 0.00 ? 11 SER A CA   1 
ATOM   183 C C    . SER A 1 12 ? -1.380 1.579   -6.543  1.00 0.00 ? 11 SER A C    1 
ATOM   184 O O    . SER A 1 12 ? -2.119 0.683   -6.970  1.00 0.00 ? 11 SER A O    1 
ATOM   185 C CB   . SER A 1 12 ? -3.374 3.145   -5.871  1.00 0.00 ? 11 SER A CB   1 
ATOM   186 O OG   . SER A 1 12 ? -3.443 3.825   -7.116  1.00 0.00 ? 11 SER A OG   1 
ATOM   187 H H    . SER A 1 12 ? -0.854 4.127   -4.279  1.00 0.00 ? 11 SER A H    1 
ATOM   188 H HA   . SER A 1 12 ? -2.002 2.173   -4.608  1.00 0.00 ? 11 SER A HA   1 
ATOM   189 H HB2  . SER A 1 12 ? -4.027 2.255   -5.877  1.00 0.00 ? 11 SER A HB2  1 
ATOM   190 H HB3  . SER A 1 12 ? -3.745 3.791   -5.052  1.00 0.00 ? 11 SER A HB3  1 
ATOM   191 H HG   . SER A 1 12 ? -3.133 3.202   -7.777  1.00 0.00 ? 11 SER A HG   1 
ATOM   192 N N    . ASP A 1 13 ? -0.059 1.612   -6.792  1.00 0.00 ? 12 ASP A N    1 
ATOM   193 C CA   . ASP A 1 13 ? 0.768  0.546   -7.410  1.00 0.00 ? 12 ASP A CA   1 
ATOM   194 C C    . ASP A 1 13 ? 1.898  0.182   -6.390  1.00 0.00 ? 12 ASP A C    1 
ATOM   195 O O    . ASP A 1 13 ? 2.121  -1.017  -6.219  1.00 0.00 ? 12 ASP A O    1 
ATOM   196 C CB   . ASP A 1 13 ? 1.224  0.986   -8.815  1.00 0.00 ? 12 ASP A CB   1 
ATOM   197 C CG   . ASP A 1 13 ? 1.908  -0.106  -9.637  1.00 0.00 ? 12 ASP A CG   1 
ATOM   198 O OD1  . ASP A 1 13 ? 3.016  -0.541  -9.256  1.00 0.00 ? 12 ASP A OD1  1 
ATOM   199 O OD2  . ASP A 1 13 ? 1.339  -0.531  -10.666 1.00 0.00 ? 12 ASP A OD2  1 
ATOM   200 H H    . ASP A 1 13 ? 0.401  2.427   -6.371  1.00 0.00 ? 12 ASP A H    1 
ATOM   201 H HA   . ASP A 1 13 ? 0.161  -0.365  -7.534  1.00 0.00 ? 12 ASP A HA   1 
ATOM   202 H HB2  . ASP A 1 13 ? 0.344  1.324   -9.395  1.00 0.00 ? 12 ASP A HB2  1 
ATOM   203 H HB3  . ASP A 1 13 ? 1.892  1.856   -8.723  1.00 0.00 ? 12 ASP A HB3  1 
ATOM   204 N N    . GLU A 1 14 ? 2.557  1.177   -5.728  1.00 0.00 ? 13 GLU A N    1 
ATOM   205 C CA   . GLU A 1 14 ? 3.429  0.988   -4.530  1.00 0.00 ? 13 GLU A CA   1 
ATOM   206 C C    . GLU A 1 14 ? 2.648  0.502   -3.251  1.00 0.00 ? 13 GLU A C    1 
ATOM   207 O O    . GLU A 1 14 ? 3.200  -0.324  -2.520  1.00 0.00 ? 13 GLU A O    1 
ATOM   208 C CB   . GLU A 1 14 ? 4.153  2.359   -4.237  1.00 0.00 ? 13 GLU A CB   1 
ATOM   209 C CG   . GLU A 1 14 ? 5.451  2.340   -3.415  1.00 0.00 ? 13 GLU A CG   1 
ATOM   210 C CD   . GLU A 1 14 ? 6.691  1.877   -4.176  1.00 0.00 ? 13 GLU A CD   1 
ATOM   211 O OE1  . GLU A 1 14 ? 6.775  0.677   -4.517  1.00 0.00 ? 13 GLU A OE1  1 
ATOM   212 O OE2  . GLU A 1 14 ? 7.586  2.711   -4.433  1.00 0.00 ? 13 GLU A OE2  1 
ATOM   213 H H    . GLU A 1 14 ? 2.191  2.109   -5.947  1.00 0.00 ? 13 GLU A H    1 
ATOM   214 H HA   . GLU A 1 14 ? 4.170  0.196   -4.787  1.00 0.00 ? 13 GLU A HA   1 
ATOM   215 H HB2  . GLU A 1 14 ? 4.354  2.949   -5.146  1.00 0.00 ? 13 GLU A HB2  1 
ATOM   216 H HB3  . GLU A 1 14 ? 3.455  3.011   -3.664  1.00 0.00 ? 13 GLU A HB3  1 
ATOM   217 H HG2  . GLU A 1 14 ? 5.615  3.372   -3.057  1.00 0.00 ? 13 GLU A HG2  1 
ATOM   218 H HG3  . GLU A 1 14 ? 5.288  1.724   -2.514  1.00 0.00 ? 13 GLU A HG3  1 
ATOM   219 N N    . LEU A 1 15 ? 1.433  1.042   -2.975  1.00 0.00 ? 14 LEU A N    1 
ATOM   220 C CA   . LEU A 1 15 ? 0.523  0.531   -1.916  1.00 0.00 ? 14 LEU A CA   1 
ATOM   221 C C    . LEU A 1 15 ? -0.458 -0.610  -2.335  1.00 0.00 ? 14 LEU A C    1 
ATOM   222 O O    . LEU A 1 15 ? -1.231 -1.065  -1.485  1.00 0.00 ? 14 LEU A O    1 
ATOM   223 C CB   . LEU A 1 15 ? -0.114 1.761   -1.182  1.00 0.00 ? 14 LEU A CB   1 
ATOM   224 C CG   . LEU A 1 15 ? -1.153 1.619   0.000   1.00 0.00 ? 14 LEU A CG   1 
ATOM   225 C CD1  . LEU A 1 15 ? -2.601 1.574   -0.530  1.00 0.00 ? 14 LEU A CD1  1 
ATOM   226 C CD2  . LEU A 1 15 ? -0.843 0.519   1.073   1.00 0.00 ? 14 LEU A CD2  1 
ATOM   227 H H    . LEU A 1 15 ? 1.078  1.640   -3.729  1.00 0.00 ? 14 LEU A H    1 
ATOM   228 H HA   . LEU A 1 15 ? 1.145  0.053   -1.134  1.00 0.00 ? 14 LEU A HA   1 
ATOM   229 H HB2  . LEU A 1 15 ? 0.731  2.302   -0.734  1.00 0.00 ? 14 LEU A HB2  1 
ATOM   230 H HB3  . LEU A 1 15 ? -0.486 2.487   -1.936  1.00 0.00 ? 14 LEU A HB3  1 
ATOM   231 H HG   . LEU A 1 15 ? -1.132 2.577   0.541   1.00 0.00 ? 14 LEU A HG   1 
ATOM   232 H HD11 . LEU A 1 15 ? -2.815 2.429   -1.199  1.00 0.00 ? 14 LEU A HD11 1 
ATOM   233 H HD12 . LEU A 1 15 ? -3.322 1.641   0.302   1.00 0.00 ? 14 LEU A HD12 1 
ATOM   234 H HD13 . LEU A 1 15 ? -2.808 0.660   -1.104  1.00 0.00 ? 14 LEU A HD13 1 
ATOM   235 H HD21 . LEU A 1 15 ? -0.279 -0.334  0.650   1.00 0.00 ? 14 LEU A HD21 1 
ATOM   236 H HD22 . LEU A 1 15 ? -1.733 0.079   1.549   1.00 0.00 ? 14 LEU A HD22 1 
ATOM   237 H HD23 . LEU A 1 15 ? -0.229 0.885   1.903   1.00 0.00 ? 14 LEU A HD23 1 
ATOM   238 N N    . ALA A 1 16 ? -0.471 -1.041  -3.607  1.00 0.00 ? 15 ALA A N    1 
ATOM   239 C CA   . ALA A 1 16 ? -1.090 -2.302  -4.041  1.00 0.00 ? 15 ALA A CA   1 
ATOM   240 C C    . ALA A 1 16 ? -0.029 -3.403  -3.918  1.00 0.00 ? 15 ALA A C    1 
ATOM   241 O O    . ALA A 1 16 ? -0.436 -4.500  -3.578  1.00 0.00 ? 15 ALA A O    1 
ATOM   242 C CB   . ALA A 1 16 ? -1.505 -2.151  -5.501  1.00 0.00 ? 15 ALA A CB   1 
ATOM   243 H H    . ALA A 1 16 ? 0.340  -0.754  -4.160  1.00 0.00 ? 15 ALA A H    1 
ATOM   244 H HA   . ALA A 1 16 ? -1.944 -2.593  -3.389  1.00 0.00 ? 15 ALA A HA   1 
ATOM   245 H HB1  . ALA A 1 16 ? -0.611 -1.917  -6.116  1.00 0.00 ? 15 ALA A HB1  1 
ATOM   246 H HB2  . ALA A 1 16 ? -2.233 -1.336  -5.616  1.00 0.00 ? 15 ALA A HB2  1 
ATOM   247 H HB3  . ALA A 1 16 ? -1.920 -3.100  -5.873  1.00 0.00 ? 15 ALA A HB3  1 
ATOM   248 N N    . LYS A 1 17 ? 1.277  -3.077  -4.102  1.00 0.00 ? 16 LYS A N    1 
ATOM   249 C CA   . LYS A 1 17 ? 2.441  -3.924  -3.811  1.00 0.00 ? 16 LYS A CA   1 
ATOM   250 C C    . LYS A 1 17 ? 2.492  -4.623  -2.404  1.00 0.00 ? 16 LYS A C    1 
ATOM   251 O O    . LYS A 1 17 ? 2.781  -5.819  -2.328  1.00 0.00 ? 16 LYS A O    1 
ATOM   252 C CB   . LYS A 1 17 ? 3.664  -2.977  -4.007  1.00 0.00 ? 16 LYS A CB   1 
ATOM   253 C CG   . LYS A 1 17 ? 4.949  -3.609  -4.545  1.00 0.00 ? 16 LYS A CG   1 
ATOM   254 C CD   . LYS A 1 17 ? 6.064  -2.556  -4.779  1.00 0.00 ? 16 LYS A CD   1 
ATOM   255 C CE   . LYS A 1 17 ? 7.313  -2.997  -5.547  1.00 0.00 ? 16 LYS A CE   1 
ATOM   256 N NZ   . LYS A 1 17 ? 8.257  -3.815  -4.758  1.00 0.00 ? 16 LYS A NZ   1 
ATOM   257 H H    . LYS A 1 17 ? 1.440  -2.116  -4.423  1.00 0.00 ? 16 LYS A H    1 
ATOM   258 H HA   . LYS A 1 17 ? 2.334  -4.663  -4.617  1.00 0.00 ? 16 LYS A HA   1 
ATOM   259 H HB2  . LYS A 1 17 ? 3.405  -2.107  -4.631  1.00 0.00 ? 16 LYS A HB2  1 
ATOM   260 H HB3  . LYS A 1 17 ? 3.890  -2.526  -3.019  1.00 0.00 ? 16 LYS A HB3  1 
ATOM   261 H HG2  . LYS A 1 17 ? 5.275  -4.367  -3.809  1.00 0.00 ? 16 LYS A HG2  1 
ATOM   262 H HG3  . LYS A 1 17 ? 4.708  -4.140  -5.480  1.00 0.00 ? 16 LYS A HG3  1 
ATOM   263 H HD2  . LYS A 1 17 ? 5.644  -1.717  -5.370  1.00 0.00 ? 16 LYS A HD2  1 
ATOM   264 H HD3  . LYS A 1 17 ? 6.350  -2.116  -3.808  1.00 0.00 ? 16 LYS A HD3  1 
ATOM   265 H HE2  . LYS A 1 17 ? 7.017  -3.522  -6.472  1.00 0.00 ? 16 LYS A HE2  1 
ATOM   266 H HE3  . LYS A 1 17 ? 7.829  -2.077  -5.874  1.00 0.00 ? 16 LYS A HE3  1 
ATOM   267 H HZ1  . LYS A 1 17 ? 9.091  -4.062  -5.302  1.00 0.00 ? 16 LYS A HZ1  1 
ATOM   268 H HZ2  . LYS A 1 17 ? 7.828  -4.693  -4.446  1.00 0.00 ? 16 LYS A HZ2  1 
ATOM   269 H HZ3  . LYS A 1 17 ? 8.578  -3.318  -3.919  1.00 0.00 ? 16 LYS A HZ3  1 
ATOM   270 N N    . LEU A 1 18 ? 2.219  -3.827  -1.342  1.00 0.00 ? 17 LEU A N    1 
ATOM   271 C CA   . LEU A 1 18 ? 2.188  -4.246  0.078   1.00 0.00 ? 17 LEU A CA   1 
ATOM   272 C C    . LEU A 1 18 ? 0.957  -5.178  0.396   1.00 0.00 ? 17 LEU A C    1 
ATOM   273 O O    . LEU A 1 18 ? 1.130  -6.216  1.040   1.00 0.00 ? 17 LEU A O    1 
ATOM   274 C CB   . LEU A 1 18 ? 2.254  -3.018  1.039   1.00 0.00 ? 17 LEU A CB   1 
ATOM   275 C CG   . LEU A 1 18 ? 3.550  -2.127  1.107   1.00 0.00 ? 17 LEU A CG   1 
ATOM   276 C CD1  . LEU A 1 18 ? 3.244  -0.664  1.490   1.00 0.00 ? 17 LEU A CD1  1 
ATOM   277 C CD2  . LEU A 1 18 ? 4.664  -2.693  2.024   1.00 0.00 ? 17 LEU A CD2  1 
ATOM   278 H H    . LEU A 1 18 ? 2.052  -2.859  -1.613  1.00 0.00 ? 17 LEU A H    1 
ATOM   279 H HA   . LEU A 1 18 ? 3.145  -4.740  0.226   1.00 0.00 ? 17 LEU A HA   1 
ATOM   280 H HB2  . LEU A 1 18 ? 1.373  -2.430  0.726   1.00 0.00 ? 17 LEU A HB2  1 
ATOM   281 H HB3  . LEU A 1 18 ? 2.015  -3.383  2.052   1.00 0.00 ? 17 LEU A HB3  1 
ATOM   282 H HG   . LEU A 1 18 ? 3.943  -2.111  0.078   1.00 0.00 ? 17 LEU A HG   1 
ATOM   283 H HD11 . LEU A 1 18 ? 2.830  -0.587  2.513   1.00 0.00 ? 17 LEU A HD11 1 
ATOM   284 H HD12 . LEU A 1 18 ? 4.134  -0.008  1.440   1.00 0.00 ? 17 LEU A HD12 1 
ATOM   285 H HD13 . LEU A 1 18 ? 2.493  -0.215  0.812   1.00 0.00 ? 17 LEU A HD13 1 
ATOM   286 H HD21 . LEU A 1 18 ? 4.918  -3.729  1.736   1.00 0.00 ? 17 LEU A HD21 1 
ATOM   287 H HD22 . LEU A 1 18 ? 4.343  -2.720  3.082   1.00 0.00 ? 17 LEU A HD22 1 
ATOM   288 H HD23 . LEU A 1 18 ? 5.599  -2.103  1.969   1.00 0.00 ? 17 LEU A HD23 1 
ATOM   289 N N    . LEU A 1 19 ? -0.243 -4.776  -0.093  1.00 0.00 ? 18 LEU A N    1 
ATOM   290 C CA   . LEU A 1 19 ? -1.497 -5.595  -0.137  1.00 0.00 ? 18 LEU A CA   1 
ATOM   291 C C    . LEU A 1 19 ? -1.424 -6.865  -1.064  1.00 0.00 ? 18 LEU A C    1 
ATOM   292 O O    . LEU A 1 19 ? -2.076 -7.868  -0.765  1.00 0.00 ? 18 LEU A O    1 
ATOM   293 C CB   . LEU A 1 19 ? -2.656 -4.580  -0.497  1.00 0.00 ? 18 LEU A CB   1 
ATOM   294 C CG   . LEU A 1 19 ? -3.341 -3.744  0.661   1.00 0.00 ? 18 LEU A CG   1 
ATOM   295 C CD1  . LEU A 1 19 ? -2.438 -2.677  1.353   1.00 0.00 ? 18 LEU A CD1  1 
ATOM   296 C CD2  . LEU A 1 19 ? -4.634 -3.037  0.172   1.00 0.00 ? 18 LEU A CD2  1 
ATOM   297 H H    . LEU A 1 19 ? -0.138 -3.945  -0.691  1.00 0.00 ? 18 LEU A H    1 
ATOM   298 H HA   . LEU A 1 19 ? -1.665 -5.996  0.884   1.00 0.00 ? 18 LEU A HA   1 
ATOM   299 H HB2  . LEU A 1 19 ? -2.337 -3.871  -1.296  1.00 0.00 ? 18 LEU A HB2  1 
ATOM   300 H HB3  . LEU A 1 19 ? -3.442 -5.159  -1.025  1.00 0.00 ? 18 LEU A HB3  1 
ATOM   301 H HG   . LEU A 1 19 ? -3.645 -4.467  1.439   1.00 0.00 ? 18 LEU A HG   1 
ATOM   302 H HD11 . LEU A 1 19 ? -2.935 -2.132  2.180   1.00 0.00 ? 18 LEU A HD11 1 
ATOM   303 H HD12 . LEU A 1 19 ? -2.086 -1.935  0.619   1.00 0.00 ? 18 LEU A HD12 1 
ATOM   304 H HD13 . LEU A 1 19 ? -1.534 -3.143  1.785   1.00 0.00 ? 18 LEU A HD13 1 
ATOM   305 H HD21 . LEU A 1 19 ? -4.419 -2.274  -0.602  1.00 0.00 ? 18 LEU A HD21 1 
ATOM   306 H HD22 . LEU A 1 19 ? -5.347 -3.755  -0.271  1.00 0.00 ? 18 LEU A HD22 1 
ATOM   307 H HD23 . LEU A 1 19 ? -5.181 -2.527  0.990   1.00 0.00 ? 18 LEU A HD23 1 
ATOM   308 N N    . ARG A 1 20 ? -0.610 -6.802  -2.138  1.00 0.00 ? 19 ARG A N    1 
ATOM   309 C CA   . ARG A 1 20 ? -0.168 -7.928  -3.016  1.00 0.00 ? 19 ARG A CA   1 
ATOM   310 C C    . ARG A 1 20 ? 0.762  -8.938  -2.261  1.00 0.00 ? 19 ARG A C    1 
ATOM   311 O O    . ARG A 1 20 ? 0.491  -10.142 -2.287  1.00 0.00 ? 19 ARG A O    1 
ATOM   312 C CB   . ARG A 1 20 ? 0.511  -7.259  -4.274  1.00 0.00 ? 19 ARG A CB   1 
ATOM   313 C CG   . ARG A 1 20 ? -0.454 -6.931  -5.426  1.00 0.00 ? 19 ARG A CG   1 
ATOM   314 C CD   . ARG A 1 20 ? 0.186  -6.201  -6.613  1.00 0.00 ? 19 ARG A CD   1 
ATOM   315 N NE   . ARG A 1 20 ? -0.848 -5.919  -7.643  1.00 0.00 ? 19 ARG A NE   1 
ATOM   316 C CZ   . ARG A 1 20 ? -0.707 -6.030  -8.991  1.00 0.00 ? 19 ARG A CZ   1 
ATOM   317 N NH1  . ARG A 1 20 ? 0.394  -6.437  -9.640  1.00 0.00 ? 19 ARG A NH1  1 
ATOM   318 N NH2  . ARG A 1 20 ? -1.753 -5.708  -9.730  1.00 0.00 ? 19 ARG A NH2  1 
ATOM   319 H H    . ARG A 1 20 ? -0.100 -5.916  -2.254  1.00 0.00 ? 19 ARG A H    1 
ATOM   320 H HA   . ARG A 1 20 ? -1.064 -8.497  -3.335  1.00 0.00 ? 19 ARG A HA   1 
ATOM   321 H HB2  . ARG A 1 20 ? 1.038  -6.329  -3.971  1.00 0.00 ? 19 ARG A HB2  1 
ATOM   322 H HB3  . ARG A 1 20 ? 1.342  -7.865  -4.661  1.00 0.00 ? 19 ARG A HB3  1 
ATOM   323 H HG2  . ARG A 1 20 ? -0.912 -7.886  -5.734  1.00 0.00 ? 19 ARG A HG2  1 
ATOM   324 H HG3  . ARG A 1 20 ? -1.261 -6.308  -4.994  1.00 0.00 ? 19 ARG A HG3  1 
ATOM   325 H HD2  . ARG A 1 20 ? 0.630  -5.247  -6.271  1.00 0.00 ? 19 ARG A HD2  1 
ATOM   326 H HD3  . ARG A 1 20 ? 1.012  -6.805  -7.031  1.00 0.00 ? 19 ARG A HD3  1 
ATOM   327 H HE   . ARG A 1 20 ? -1.772 -5.580  -7.356  1.00 0.00 ? 19 ARG A HE   1 
ATOM   328 H HH11 . ARG A 1 20 ? 1.202  -6.686  -9.060  1.00 0.00 ? 19 ARG A HH11 1 
ATOM   329 H HH12 . ARG A 1 20 ? 0.338  -6.466  -10.664 1.00 0.00 ? 19 ARG A HH12 1 
ATOM   330 H HH21 . ARG A 1 20 ? -2.592 -5.398  -9.229  1.00 0.00 ? 19 ARG A HH21 1 
ATOM   331 H HH22 . ARG A 1 20 ? -1.640 -5.794  -10.746 1.00 0.00 ? 19 ARG A HH22 1 
ATOM   332 N N    . GLN A 1 21 ? 1.784  -8.407  -1.548  1.00 0.00 ? 20 GLN A N    1 
ATOM   333 C CA   . GLN A 1 21 ? 2.651  -9.124  -0.583  1.00 0.00 ? 20 GLN A CA   1 
ATOM   334 C C    . GLN A 1 21 ? 1.898  -9.806  0.620   1.00 0.00 ? 20 GLN A C    1 
ATOM   335 O O    . GLN A 1 21 ? 2.232  -10.954 0.926   1.00 0.00 ? 20 GLN A O    1 
ATOM   336 C CB   . GLN A 1 21 ? 3.806  -8.188  -0.082  1.00 0.00 ? 20 GLN A CB   1 
ATOM   337 C CG   . GLN A 1 21 ? 4.962  -7.801  -1.040  1.00 0.00 ? 20 GLN A CG   1 
ATOM   338 C CD   . GLN A 1 21 ? 5.975  -8.926  -1.316  1.00 0.00 ? 20 GLN A CD   1 
ATOM   339 O OE1  . GLN A 1 21 ? 5.782  -9.738  -2.220  1.00 0.00 ? 20 GLN A OE1  1 
ATOM   340 N NE2  . GLN A 1 21 ? 7.060  -9.000  -0.559  1.00 0.00 ? 20 GLN A NE2  1 
ATOM   341 H H    . GLN A 1 21 ? 1.941  -7.429  -1.788  1.00 0.00 ? 20 GLN A H    1 
ATOM   342 H HA   . GLN A 1 21 ? 3.098  -9.909  -1.195  1.00 0.00 ? 20 GLN A HA   1 
ATOM   343 H HB2  . GLN A 1 21 ? 3.345  -7.250  0.278   1.00 0.00 ? 20 GLN A HB2  1 
ATOM   344 H HB3  . GLN A 1 21 ? 4.280  -8.623  0.815   1.00 0.00 ? 20 GLN A HB3  1 
ATOM   345 H HG2  . GLN A 1 21 ? 4.533  -7.467  -2.000  1.00 0.00 ? 20 GLN A HG2  1 
ATOM   346 H HG3  . GLN A 1 21 ? 5.470  -6.905  -0.631  1.00 0.00 ? 20 GLN A HG3  1 
ATOM   347 H HE21 . GLN A 1 21 ? 7.156  -8.291  0.177   1.00 0.00 ? 20 GLN A HE21 1 
ATOM   348 H HE22 . GLN A 1 21 ? 7.715  -9.761  -0.768  1.00 0.00 ? 20 GLN A HE22 1 
ATOM   349 N N    . HIS A 1 22 ? 0.906  -9.119  1.249   1.00 0.00 ? 21 HIS A N    1 
ATOM   350 C CA   . HIS A 1 22 ? 0.021  -9.682  2.304   1.00 0.00 ? 21 HIS A CA   1 
ATOM   351 C C    . HIS A 1 22 ? -1.234 -10.256 1.580   1.00 0.00 ? 21 HIS A C    1 
ATOM   352 O O    . HIS A 1 22 ? -2.191 -9.528  1.279   1.00 0.00 ? 21 HIS A O    1 
ATOM   353 C CB   . HIS A 1 22 ? -0.328 -8.578  3.344   1.00 0.00 ? 21 HIS A CB   1 
ATOM   354 C CG   . HIS A 1 22 ? 0.779  -8.242  4.333   1.00 0.00 ? 21 HIS A CG   1 
ATOM   355 N ND1  . HIS A 1 22 ? 1.053  -8.972  5.475   1.00 0.00 ? 21 HIS A ND1  1 
ATOM   356 C CD2  . HIS A 1 22 ? 1.658  -7.152  4.222   1.00 0.00 ? 21 HIS A CD2  1 
ATOM   357 C CE1  . HIS A 1 22 ? 2.104  -8.245  5.970   1.00 0.00 ? 21 HIS A CE1  1 
ATOM   358 N NE2  . HIS A 1 22 ? 2.538  -7.138  5.290   1.00 0.00 ? 21 HIS A NE2  1 
ATOM   359 H H    . HIS A 1 22 ? 0.749  -8.175  0.879   1.00 0.00 ? 21 HIS A H    1 
ATOM   360 H HA   . HIS A 1 22 ? 0.551  -10.494 2.848   1.00 0.00 ? 21 HIS A HA   1 
ATOM   361 H HB2  . HIS A 1 22 ? -0.661 -7.656  2.826   1.00 0.00 ? 21 HIS A HB2  1 
ATOM   362 H HB3  . HIS A 1 22 ? -1.211 -8.894  3.930   1.00 0.00 ? 21 HIS A HB3  1 
ATOM   363 H HD1  . HIS A 1 22 ? 0.601  -9.816  5.845   1.00 0.00 ? 21 HIS A HD1  1 
ATOM   364 H HD2  . HIS A 1 22 ? 1.651  -6.428  3.422   1.00 0.00 ? 21 HIS A HD2  1 
ATOM   365 H HE1  . HIS A 1 22 ? 2.585  -8.542  6.891   1.00 0.00 ? 21 HIS A HE1  1 
ATOM   366 H HE2  . HIS A 1 22 ? 3.298  -6.484  5.510   1.00 0.00 ? 21 HIS A HE2  1 
ATOM   367 N N    . ALA A 1 23 ? -1.176 -11.569 1.254   1.00 0.00 ? 22 ALA A N    1 
ATOM   368 C CA   . ALA A 1 23 ? -2.241 -12.301 0.499   1.00 0.00 ? 22 ALA A CA   1 
ATOM   369 C C    . ALA A 1 23 ? -2.722 -13.640 1.137   1.00 0.00 ? 22 ALA A C    1 
ATOM   370 O O    . ALA A 1 23 ? -3.942 -13.843 1.161   1.00 0.00 ? 22 ALA A O    1 
ATOM   371 C CB   . ALA A 1 23 ? -1.802 -12.467 -0.969  1.00 0.00 ? 22 ALA A CB   1 
ATOM   372 H H    . ALA A 1 23 ? -0.316 -12.041 1.554   1.00 0.00 ? 22 ALA A H    1 
ATOM   373 H HA   . ALA A 1 23 ? -3.148 -11.671 0.471   1.00 0.00 ? 22 ALA A HA   1 
ATOM   374 H HB1  . ALA A 1 23 ? -2.599 -12.934 -1.575  1.00 0.00 ? 22 ALA A HB1  1 
ATOM   375 H HB2  . ALA A 1 23 ? -0.901 -13.100 -1.050  1.00 0.00 ? 22 ALA A HB2  1 
ATOM   376 H HB3  . ALA A 1 23 ? -1.566 -11.489 -1.427  1.00 0.00 ? 22 ALA A HB3  1 
ATOM   377 N N    . GLY A 1 24 ? -1.813 -14.519 1.622   1.00 0.00 ? 23 GLY A N    1 
ATOM   378 C CA   . GLY A 1 24 ? -2.185 -15.809 2.240   1.00 0.00 ? 23 GLY A CA   1 
ATOM   379 C C    . GLY A 1 24 ? -0.983 -16.630 2.725   1.00 0.00 ? 23 GLY A C    1 
ATOM   380 O O    . GLY A 1 24 ? 0.186  -16.259 2.615   1.00 0.00 ? 23 GLY A O    1 
ATOM   381 H H    . GLY A 1 24 ? -0.846 -14.191 1.543   1.00 0.00 ? 23 GLY A H    1 
ATOM   382 H HA2  . GLY A 1 24 ? -2.867 -15.618 3.088   1.00 0.00 ? 23 GLY A HA2  1 
ATOM   383 H HA3  . GLY A 1 24 ? -2.765 -16.404 1.510   1.00 0.00 ? 23 GLY A HA3  1 
HETATM 384 N N    . NH2 A 1 25 ? -1.274 -17.791 3.285   1.00 0.00 ? 24 NH2 A N    1 
HETATM 385 H HN1  . NH2 A 1 25 ? -2.268 -18.037 3.343   1.00 0.00 ? 24 NH2 A HN1  1 
HETATM 386 H HN2  . NH2 A 1 25 ? -0.481 -18.353 3.615   1.00 0.00 ? 24 NH2 A HN2  1 
# 
